data_1FX7
#
_entry.id   1FX7
#
_cell.length_a   46.309
_cell.length_b   113.970
_cell.length_c   236.210
_cell.angle_alpha   90.00
_cell.angle_beta   90.00
_cell.angle_gamma   90.00
#
_symmetry.space_group_name_H-M   'P 21 21 21'
#
loop_
_entity.id
_entity.type
_entity.pdbx_description
1 polymer 'IRON-DEPENDENT REPRESSOR IDER'
2 non-polymer 'SULFATE ION'
3 non-polymer 'COBALT (II) ION'
4 water water
#
_entity_poly.entity_id   1
_entity_poly.type   'polypeptide(L)'
_entity_poly.pdbx_seq_one_letter_code
;MNELVDTTEMYLRTIYDLEEEGVTPLRARIAERLDQSGPTVSQTVSRMERDGLLRVAGDRHLELTEKGRALAIAVMRKHR
LAERLLVDVIGLPWEEVHAEACRWEHVMSEDVERRLVKVLNNPTTSPFGNPIPGLDELGVGPEPGADDANLVRLTELPAG
SPVAVVVRQLTEHVQGDIDLITRLKDAGVVPNARVTVETTPGGGVTIVIPGHENVTLPHEMAHAVKVEKV
;
_entity_poly.pdbx_strand_id   A,B,C,D
#
# COMPACT_ATOMS: atom_id res chain seq x y z
N MET A 1 8.99 -16.24 -3.51
CA MET A 1 10.43 -16.32 -3.84
C MET A 1 10.66 -17.06 -5.15
N ASN A 2 11.92 -17.25 -5.46
CA ASN A 2 12.39 -18.06 -6.60
C ASN A 2 11.96 -19.47 -6.28
N GLU A 3 11.11 -20.09 -7.09
CA GLU A 3 10.62 -21.46 -6.83
C GLU A 3 11.73 -22.51 -6.87
N LEU A 4 12.81 -22.27 -7.58
CA LEU A 4 13.96 -23.13 -7.65
C LEU A 4 14.87 -22.96 -6.45
N VAL A 5 14.70 -21.90 -5.65
CA VAL A 5 15.48 -21.54 -4.49
C VAL A 5 16.86 -21.02 -4.89
N ASP A 6 17.64 -21.82 -5.61
CA ASP A 6 18.96 -21.44 -6.08
C ASP A 6 19.03 -21.91 -7.53
N THR A 7 18.86 -20.97 -8.45
CA THR A 7 18.84 -21.31 -9.87
C THR A 7 20.12 -21.94 -10.36
N THR A 8 21.28 -21.39 -10.04
CA THR A 8 22.54 -21.96 -10.50
C THR A 8 22.69 -23.39 -10.02
N GLU A 9 22.31 -23.64 -8.77
CA GLU A 9 22.44 -24.99 -8.21
C GLU A 9 21.48 -25.96 -8.90
N MET A 10 20.29 -25.52 -9.33
CA MET A 10 19.39 -26.44 -10.04
C MET A 10 19.86 -26.85 -11.42
N TYR A 11 20.59 -25.90 -12.06
CA TYR A 11 21.24 -26.05 -13.36
C TYR A 11 22.34 -27.10 -13.26
N LEU A 12 23.17 -26.95 -12.23
CA LEU A 12 24.25 -27.88 -11.95
C LEU A 12 23.67 -29.27 -11.69
N ARG A 13 22.73 -29.38 -10.75
CA ARG A 13 22.17 -30.69 -10.46
C ARG A 13 21.35 -31.26 -11.60
N THR A 14 20.70 -30.45 -12.47
CA THR A 14 19.98 -31.02 -13.60
C THR A 14 20.94 -31.68 -14.57
N ILE A 15 22.11 -31.09 -14.83
CA ILE A 15 23.10 -31.71 -15.71
C ILE A 15 23.57 -33.00 -15.06
N TYR A 16 23.80 -32.98 -13.73
CA TYR A 16 24.25 -34.21 -13.06
C TYR A 16 23.20 -35.31 -13.15
N ASP A 17 21.94 -34.97 -12.96
CA ASP A 17 20.79 -35.85 -13.10
C ASP A 17 20.75 -36.48 -14.50
N LEU A 18 20.92 -35.67 -15.54
CA LEU A 18 20.96 -36.14 -16.92
C LEU A 18 22.10 -37.12 -17.13
N GLU A 19 23.24 -36.89 -16.48
CA GLU A 19 24.36 -37.85 -16.59
C GLU A 19 24.01 -39.14 -15.87
N GLU A 20 23.34 -39.08 -14.72
CA GLU A 20 22.91 -40.30 -14.02
C GLU A 20 21.90 -41.09 -14.85
N GLU A 21 21.09 -40.42 -15.67
CA GLU A 21 20.13 -41.05 -16.54
C GLU A 21 20.77 -41.64 -17.80
N GLY A 22 22.01 -41.31 -18.10
CA GLY A 22 22.67 -41.81 -19.31
C GLY A 22 22.13 -41.08 -20.55
N VAL A 23 21.65 -39.86 -20.42
CA VAL A 23 21.17 -39.10 -21.58
C VAL A 23 22.03 -37.86 -21.79
N THR A 24 22.07 -37.33 -23.01
CA THR A 24 22.85 -36.12 -23.26
C THR A 24 22.29 -34.91 -22.52
N PRO A 25 23.12 -34.24 -21.74
CA PRO A 25 22.76 -33.02 -21.04
C PRO A 25 22.65 -31.91 -22.08
N LEU A 26 21.45 -31.36 -22.25
CA LEU A 26 21.20 -30.31 -23.24
C LEU A 26 20.42 -29.15 -22.66
N ARG A 27 20.61 -27.96 -23.23
CA ARG A 27 19.91 -26.76 -22.78
C ARG A 27 18.40 -26.98 -22.86
N ALA A 28 17.92 -27.57 -23.95
CA ALA A 28 16.49 -27.85 -24.11
C ALA A 28 15.93 -28.66 -22.95
N ARG A 29 16.69 -29.65 -22.45
CA ARG A 29 16.18 -30.42 -21.31
C ARG A 29 16.16 -29.58 -20.04
N ILE A 30 17.12 -28.68 -19.85
CA ILE A 30 17.09 -27.80 -18.67
C ILE A 30 15.87 -26.89 -18.73
N ALA A 31 15.58 -26.30 -19.90
CA ALA A 31 14.45 -25.41 -20.08
C ALA A 31 13.14 -26.10 -19.70
N GLU A 32 12.95 -27.31 -20.20
CA GLU A 32 11.76 -28.09 -19.96
C GLU A 32 11.62 -28.50 -18.50
N ARG A 33 12.67 -29.02 -17.88
CA ARG A 33 12.58 -29.47 -16.49
C ARG A 33 12.51 -28.33 -15.50
N LEU A 34 13.23 -27.23 -15.75
CA LEU A 34 13.21 -26.11 -14.81
C LEU A 34 12.15 -25.07 -15.21
N ASP A 35 11.41 -25.33 -16.28
CA ASP A 35 10.34 -24.44 -16.73
C ASP A 35 10.81 -23.05 -17.12
N GLN A 36 11.92 -22.98 -17.84
CA GLN A 36 12.45 -21.67 -18.22
C GLN A 36 12.41 -21.56 -19.73
N SER A 37 12.38 -20.34 -20.24
CA SER A 37 12.38 -20.17 -21.70
C SER A 37 13.77 -20.46 -22.26
N GLY A 38 13.81 -20.71 -23.56
CA GLY A 38 15.03 -20.98 -24.30
C GLY A 38 16.08 -19.91 -24.05
N PRO A 39 15.74 -18.65 -24.31
CA PRO A 39 16.62 -17.54 -24.07
C PRO A 39 17.13 -17.54 -22.64
N THR A 40 16.23 -17.54 -21.65
CA THR A 40 16.63 -17.57 -20.25
C THR A 40 17.69 -18.63 -19.97
N VAL A 41 17.52 -19.88 -20.42
CA VAL A 41 18.57 -20.86 -20.13
C VAL A 41 19.80 -20.59 -20.99
N SER A 42 19.63 -20.10 -22.21
CA SER A 42 20.79 -19.78 -23.07
C SER A 42 21.67 -18.73 -22.40
N GLN A 43 21.05 -17.72 -21.80
CA GLN A 43 21.70 -16.66 -21.05
C GLN A 43 22.23 -17.12 -19.70
N THR A 44 21.64 -18.16 -19.09
CA THR A 44 22.19 -18.61 -17.80
C THR A 44 23.41 -19.50 -18.06
N VAL A 45 23.31 -20.29 -19.13
CA VAL A 45 24.38 -21.21 -19.50
C VAL A 45 25.64 -20.44 -19.79
N SER A 46 25.51 -19.40 -20.63
CA SER A 46 26.66 -18.59 -21.01
C SER A 46 27.35 -17.99 -19.80
N ARG A 47 26.53 -17.46 -18.89
CA ARG A 47 27.02 -16.88 -17.65
C ARG A 47 27.74 -17.90 -16.78
N MET A 48 27.16 -19.11 -16.68
CA MET A 48 27.81 -20.18 -15.92
C MET A 48 29.04 -20.72 -16.63
N GLU A 49 29.09 -20.59 -17.95
CA GLU A 49 30.25 -21.00 -18.72
C GLU A 49 31.36 -19.98 -18.49
N ARG A 50 31.01 -18.69 -18.44
CA ARG A 50 32.01 -17.65 -18.21
C ARG A 50 32.45 -17.65 -16.74
N ASP A 51 31.57 -18.11 -15.85
CA ASP A 51 31.92 -18.29 -14.46
C ASP A 51 32.67 -19.61 -14.23
N GLY A 52 33.00 -20.36 -15.27
CA GLY A 52 33.78 -21.58 -15.16
C GLY A 52 33.08 -22.74 -14.48
N LEU A 53 31.76 -22.80 -14.58
CA LEU A 53 30.99 -23.88 -13.97
C LEU A 53 30.68 -24.96 -14.99
N LEU A 54 30.67 -24.60 -16.28
CA LEU A 54 30.39 -25.64 -17.27
C LEU A 54 30.90 -25.14 -18.62
N ARG A 55 30.76 -25.99 -19.63
CA ARG A 55 31.18 -25.54 -20.96
C ARG A 55 30.19 -26.11 -21.96
N VAL A 56 30.02 -25.42 -23.07
CA VAL A 56 29.15 -25.93 -24.14
C VAL A 56 30.08 -26.64 -25.12
N ALA A 57 29.93 -27.95 -25.30
CA ALA A 57 30.84 -28.70 -26.17
C ALA A 57 30.59 -28.41 -27.64
N GLY A 58 31.48 -28.89 -28.51
CA GLY A 58 31.32 -28.64 -29.95
C GLY A 58 29.97 -29.12 -30.47
N ASP A 59 29.55 -30.33 -30.08
CA ASP A 59 28.24 -30.84 -30.47
C ASP A 59 27.06 -30.30 -29.69
N ARG A 60 27.16 -29.21 -28.94
CA ARG A 60 26.08 -28.60 -28.18
C ARG A 60 25.82 -29.14 -26.78
N HIS A 61 26.28 -30.33 -26.45
CA HIS A 61 26.04 -30.93 -25.14
C HIS A 61 26.70 -30.11 -24.03
N LEU A 62 26.10 -30.17 -22.85
CA LEU A 62 26.61 -29.42 -21.71
C LEU A 62 27.51 -30.30 -20.86
N GLU A 63 28.66 -29.77 -20.49
CA GLU A 63 29.65 -30.52 -19.70
C GLU A 63 29.92 -29.70 -18.45
N LEU A 64 30.01 -30.33 -17.31
CA LEU A 64 30.36 -29.65 -16.07
C LEU A 64 31.88 -29.47 -16.04
N THR A 65 32.38 -28.31 -15.61
CA THR A 65 33.85 -28.22 -15.46
C THR A 65 34.19 -28.96 -14.17
N GLU A 66 35.45 -29.03 -13.76
CA GLU A 66 35.76 -29.76 -12.52
C GLU A 66 35.16 -29.04 -11.32
N LYS A 67 35.20 -27.72 -11.39
CA LYS A 67 34.70 -26.77 -10.44
C LYS A 67 33.18 -26.93 -10.32
N GLY A 68 32.49 -27.01 -11.45
CA GLY A 68 31.05 -27.18 -11.50
C GLY A 68 30.58 -28.54 -10.97
N ARG A 69 31.34 -29.58 -11.28
CA ARG A 69 31.03 -30.94 -10.84
C ARG A 69 31.17 -31.00 -9.32
N ALA A 70 32.25 -30.42 -8.74
CA ALA A 70 32.30 -30.49 -7.27
C ALA A 70 31.07 -29.79 -6.67
N LEU A 71 30.60 -28.68 -7.22
CA LEU A 71 29.44 -27.96 -6.73
C LEU A 71 28.17 -28.82 -6.93
N ALA A 72 28.02 -29.46 -8.09
CA ALA A 72 26.86 -30.32 -8.34
C ALA A 72 26.82 -31.50 -7.37
N ILE A 73 27.97 -32.08 -7.08
CA ILE A 73 28.07 -33.20 -6.15
C ILE A 73 27.62 -32.76 -4.74
N ALA A 74 28.02 -31.59 -4.28
CA ALA A 74 27.65 -31.06 -2.98
C ALA A 74 26.14 -30.84 -2.87
N VAL A 75 25.51 -30.33 -3.93
CA VAL A 75 24.05 -30.17 -3.94
C VAL A 75 23.37 -31.53 -3.85
N MET A 76 23.80 -32.51 -4.65
CA MET A 76 23.21 -33.86 -4.64
C MET A 76 23.40 -34.55 -3.30
N ARG A 77 24.57 -34.40 -2.68
CA ARG A 77 24.84 -35.02 -1.39
C ARG A 77 23.81 -34.45 -0.39
N LYS A 78 23.64 -33.13 -0.39
CA LYS A 78 22.69 -32.48 0.50
C LYS A 78 21.27 -32.97 0.21
N HIS A 79 20.97 -33.08 -1.10
CA HIS A 79 19.63 -33.56 -1.45
C HIS A 79 19.34 -34.92 -0.83
N ARG A 80 20.28 -35.85 -1.05
CA ARG A 80 20.06 -37.24 -0.64
C ARG A 80 20.16 -37.45 0.87
N LEU A 81 20.93 -36.62 1.58
CA LEU A 81 20.95 -36.69 3.05
C LEU A 81 19.66 -36.11 3.62
N ALA A 82 19.11 -35.09 2.95
CA ALA A 82 17.84 -34.48 3.33
C ALA A 82 16.71 -35.49 3.16
N GLU A 83 16.75 -36.23 2.04
CA GLU A 83 15.78 -37.31 1.83
C GLU A 83 15.86 -38.36 2.93
N ARG A 84 17.06 -38.79 3.31
CA ARG A 84 17.22 -39.78 4.38
C ARG A 84 16.68 -39.25 5.71
N LEU A 85 16.98 -38.00 6.02
CA LEU A 85 16.48 -37.35 7.22
C LEU A 85 14.95 -37.27 7.20
N LEU A 86 14.37 -36.89 6.07
CA LEU A 86 12.89 -36.75 5.95
C LEU A 86 12.18 -38.08 6.13
N VAL A 87 12.72 -39.16 5.57
CA VAL A 87 12.13 -40.48 5.76
C VAL A 87 12.43 -41.13 7.11
N ASP A 88 13.70 -41.24 7.48
CA ASP A 88 14.07 -41.98 8.68
C ASP A 88 13.70 -41.29 9.99
N VAL A 89 13.87 -39.99 10.09
CA VAL A 89 13.63 -39.24 11.31
C VAL A 89 12.32 -38.49 11.35
N ILE A 90 12.03 -37.72 10.31
CA ILE A 90 10.79 -36.93 10.30
C ILE A 90 9.56 -37.75 9.97
N GLY A 91 9.64 -38.77 9.13
CA GLY A 91 8.51 -39.60 8.76
C GLY A 91 7.58 -39.04 7.69
N LEU A 92 8.09 -38.14 6.87
CA LEU A 92 7.32 -37.61 5.74
C LEU A 92 7.17 -38.70 4.70
N PRO A 93 5.99 -38.85 4.13
CA PRO A 93 5.72 -39.90 3.15
C PRO A 93 6.84 -40.00 2.14
N TRP A 94 7.19 -41.22 1.75
CA TRP A 94 8.31 -41.43 0.80
C TRP A 94 8.11 -40.69 -0.49
N GLU A 95 6.89 -40.66 -1.06
CA GLU A 95 6.63 -39.97 -2.29
C GLU A 95 6.66 -38.45 -2.20
N GLU A 96 6.71 -37.82 -1.05
CA GLU A 96 6.73 -36.38 -0.87
C GLU A 96 8.11 -35.86 -0.51
N VAL A 97 9.05 -36.75 -0.14
CA VAL A 97 10.36 -36.27 0.30
C VAL A 97 11.17 -35.61 -0.82
N HIS A 98 11.06 -36.10 -2.06
CA HIS A 98 11.86 -35.50 -3.14
C HIS A 98 11.56 -34.02 -3.32
N ALA A 99 10.30 -33.60 -3.41
CA ALA A 99 10.05 -32.16 -3.63
C ALA A 99 10.55 -31.33 -2.46
N GLU A 100 10.39 -31.82 -1.24
CA GLU A 100 10.89 -31.12 -0.06
C GLU A 100 12.41 -30.99 -0.12
N ALA A 101 13.08 -32.12 -0.37
CA ALA A 101 14.55 -32.12 -0.46
C ALA A 101 15.07 -31.28 -1.62
N CYS A 102 14.30 -31.10 -2.70
CA CYS A 102 14.74 -30.27 -3.80
C CYS A 102 14.86 -28.80 -3.36
N ARG A 103 14.10 -28.39 -2.36
CA ARG A 103 14.22 -27.08 -1.74
C ARG A 103 15.32 -27.13 -0.65
N TRP A 104 15.34 -28.16 0.20
CA TRP A 104 16.32 -28.18 1.29
C TRP A 104 17.76 -28.29 0.85
N GLU A 105 18.00 -28.92 -0.31
CA GLU A 105 19.37 -29.08 -0.79
C GLU A 105 20.09 -27.77 -0.98
N HIS A 106 19.37 -26.65 -1.18
CA HIS A 106 20.00 -25.38 -1.43
C HIS A 106 20.30 -24.56 -0.19
N VAL A 107 19.83 -24.99 0.98
CA VAL A 107 20.02 -24.19 2.18
C VAL A 107 20.70 -24.97 3.31
N MET A 108 21.00 -26.24 3.13
CA MET A 108 21.67 -27.04 4.17
C MET A 108 23.16 -26.77 4.24
N SER A 109 23.73 -26.52 5.42
CA SER A 109 25.17 -26.27 5.47
C SER A 109 25.92 -27.61 5.49
N GLU A 110 27.22 -27.57 5.20
CA GLU A 110 28.04 -28.78 5.35
C GLU A 110 28.11 -29.16 6.83
N ASP A 111 28.02 -28.17 7.75
CA ASP A 111 27.99 -28.51 9.16
C ASP A 111 26.83 -29.42 9.47
N VAL A 112 25.64 -29.13 8.95
CA VAL A 112 24.50 -30.00 9.19
C VAL A 112 24.70 -31.36 8.52
N GLU A 113 25.24 -31.38 7.30
CA GLU A 113 25.47 -32.68 6.65
C GLU A 113 26.39 -33.58 7.51
N ARG A 114 27.44 -32.95 8.04
CA ARG A 114 28.40 -33.68 8.90
C ARG A 114 27.68 -34.26 10.10
N ARG A 115 26.74 -33.53 10.75
CA ARG A 115 25.94 -34.08 11.81
C ARG A 115 25.02 -35.19 11.28
N LEU A 116 24.41 -35.00 10.10
CA LEU A 116 23.50 -36.00 9.58
C LEU A 116 24.15 -37.34 9.27
N VAL A 117 25.37 -37.36 8.76
CA VAL A 117 25.99 -38.68 8.55
C VAL A 117 26.07 -39.47 9.86
N LYS A 118 26.32 -38.83 11.01
CA LYS A 118 26.38 -39.55 12.27
C LYS A 118 24.99 -39.91 12.76
N VAL A 119 24.09 -38.91 12.78
CA VAL A 119 22.73 -39.13 13.25
C VAL A 119 22.00 -40.16 12.42
N LEU A 120 22.24 -40.23 11.10
CA LEU A 120 21.55 -41.23 10.28
C LEU A 120 22.29 -42.56 10.24
N ASN A 121 23.31 -42.77 11.06
CA ASN A 121 24.05 -44.02 11.14
C ASN A 121 24.81 -44.38 9.88
N ASN A 122 25.60 -43.43 9.38
CA ASN A 122 26.44 -43.58 8.21
C ASN A 122 25.71 -44.06 6.97
N PRO A 123 24.82 -43.25 6.42
CA PRO A 123 24.08 -43.60 5.22
C PRO A 123 25.00 -43.48 4.00
N THR A 124 24.67 -44.31 3.01
CA THR A 124 25.44 -44.27 1.77
C THR A 124 24.46 -44.15 0.61
N THR A 125 23.16 -44.40 0.82
CA THR A 125 22.23 -44.31 -0.29
C THR A 125 20.99 -43.49 0.07
N SER A 126 20.32 -42.90 -0.90
CA SER A 126 19.07 -42.19 -0.56
C SER A 126 17.98 -43.24 -0.42
N PRO A 127 16.78 -42.86 0.01
CA PRO A 127 15.64 -43.75 0.10
C PRO A 127 15.14 -44.26 -1.23
N PHE A 128 15.63 -43.72 -2.34
CA PHE A 128 15.31 -44.13 -3.70
C PHE A 128 16.41 -45.03 -4.26
N GLY A 129 17.35 -45.43 -3.41
CA GLY A 129 18.43 -46.36 -3.73
C GLY A 129 19.65 -45.76 -4.39
N ASN A 130 19.70 -44.44 -4.58
CA ASN A 130 20.83 -43.81 -5.23
C ASN A 130 21.96 -43.54 -4.25
N PRO A 131 23.18 -43.84 -4.67
CA PRO A 131 24.35 -43.60 -3.84
C PRO A 131 24.44 -42.10 -3.53
N ILE A 132 24.84 -41.83 -2.30
CA ILE A 132 25.06 -40.44 -1.88
C ILE A 132 26.49 -40.12 -2.27
N PRO A 133 26.70 -39.19 -3.18
CA PRO A 133 28.02 -38.80 -3.64
C PRO A 133 28.75 -37.81 -2.75
N GLY A 134 30.04 -37.64 -2.98
CA GLY A 134 30.95 -36.72 -2.30
C GLY A 134 31.01 -36.87 -0.79
N LEU A 135 30.77 -38.04 -0.22
CA LEU A 135 30.89 -38.25 1.23
C LEU A 135 32.34 -38.07 1.68
N ASP A 136 33.36 -38.27 0.84
CA ASP A 136 34.75 -38.01 1.22
C ASP A 136 34.98 -36.56 1.60
N GLU A 137 34.30 -35.58 0.98
CA GLU A 137 34.43 -34.17 1.35
C GLU A 137 33.85 -33.82 2.72
N LEU A 138 33.02 -34.69 3.28
CA LEU A 138 32.50 -34.54 4.62
C LEU A 138 33.37 -35.28 5.65
N GLY A 139 34.47 -35.90 5.20
CA GLY A 139 35.26 -36.61 6.19
C GLY A 139 34.83 -38.06 6.34
N VAL A 140 34.04 -38.62 5.40
CA VAL A 140 33.79 -40.06 5.63
C VAL A 140 34.82 -40.83 4.81
N GLY A 141 35.44 -41.81 5.47
CA GLY A 141 36.45 -42.64 4.79
C GLY A 141 35.67 -43.74 4.10
N PRO A 142 36.14 -44.22 2.96
CA PRO A 142 35.42 -45.28 2.27
C PRO A 142 35.46 -46.60 3.02
N GLU A 143 34.43 -47.42 2.85
CA GLU A 143 34.36 -48.75 3.43
C GLU A 143 34.80 -49.78 2.40
N PRO A 144 35.15 -50.97 2.88
CA PRO A 144 35.59 -52.06 2.03
C PRO A 144 34.48 -52.39 1.05
N GLY A 145 34.82 -52.89 -0.14
CA GLY A 145 33.75 -53.17 -1.10
C GLY A 145 33.57 -51.95 -2.00
N ALA A 146 33.15 -52.22 -3.22
CA ALA A 146 32.98 -51.22 -4.26
C ALA A 146 31.50 -51.07 -4.61
N ASP A 147 31.13 -49.88 -5.07
CA ASP A 147 29.74 -49.60 -5.43
C ASP A 147 29.41 -49.94 -6.87
N ASP A 148 28.59 -50.96 -7.04
CA ASP A 148 28.11 -51.46 -8.31
C ASP A 148 27.70 -52.93 -8.16
N ALA A 149 27.48 -53.59 -9.28
CA ALA A 149 27.10 -55.00 -9.33
C ALA A 149 26.90 -55.38 -10.79
N ASN A 150 25.65 -55.47 -11.20
CA ASN A 150 25.27 -55.78 -12.57
C ASN A 150 24.00 -54.97 -12.87
N LEU A 151 24.11 -53.66 -12.71
CA LEU A 151 23.01 -52.73 -12.90
C LEU A 151 22.76 -52.30 -14.34
N VAL A 152 21.51 -52.51 -14.76
CA VAL A 152 21.11 -52.12 -16.11
C VAL A 152 19.98 -51.10 -16.02
N ARG A 153 20.08 -50.05 -16.83
CA ARG A 153 18.99 -49.06 -16.86
C ARG A 153 17.81 -49.81 -17.47
N LEU A 154 16.57 -49.47 -17.20
CA LEU A 154 15.43 -50.16 -17.81
C LEU A 154 15.38 -50.05 -19.33
N THR A 155 15.94 -49.00 -19.92
CA THR A 155 15.97 -48.75 -21.35
C THR A 155 16.99 -49.61 -22.09
N GLU A 156 17.81 -50.34 -21.36
CA GLU A 156 18.83 -51.23 -21.87
C GLU A 156 18.32 -52.66 -21.96
N LEU A 157 17.16 -52.96 -21.37
CA LEU A 157 16.64 -54.32 -21.50
C LEU A 157 16.12 -54.49 -22.93
N PRO A 158 16.32 -55.68 -23.48
CA PRO A 158 15.93 -56.01 -24.84
C PRO A 158 14.44 -56.23 -25.04
N ALA A 159 13.93 -55.81 -26.20
CA ALA A 159 12.52 -56.04 -26.51
C ALA A 159 12.27 -57.54 -26.47
N GLY A 160 11.12 -57.98 -25.97
CA GLY A 160 10.84 -59.41 -25.89
C GLY A 160 9.80 -59.77 -24.84
N SER A 161 9.90 -60.96 -24.28
CA SER A 161 8.96 -61.43 -23.26
C SER A 161 9.25 -60.73 -21.94
N PRO A 162 8.33 -60.76 -20.99
CA PRO A 162 8.51 -60.15 -19.69
C PRO A 162 9.74 -60.66 -18.95
N VAL A 163 10.49 -59.75 -18.35
CA VAL A 163 11.71 -60.06 -17.63
C VAL A 163 11.58 -59.74 -16.14
N ALA A 164 11.93 -60.73 -15.33
CA ALA A 164 11.90 -60.60 -13.89
C ALA A 164 13.15 -59.87 -13.42
N VAL A 165 12.94 -58.74 -12.73
CA VAL A 165 14.05 -57.94 -12.24
C VAL A 165 13.85 -57.49 -10.78
N VAL A 166 14.94 -56.98 -10.19
CA VAL A 166 14.83 -56.36 -8.88
C VAL A 166 15.19 -54.87 -9.04
N VAL A 167 14.30 -54.00 -8.63
CA VAL A 167 14.52 -52.55 -8.72
C VAL A 167 15.65 -52.17 -7.76
N ARG A 168 16.60 -51.38 -8.23
CA ARG A 168 17.70 -50.98 -7.34
C ARG A 168 17.70 -49.46 -7.15
N GLN A 169 17.52 -48.69 -8.23
CA GLN A 169 17.58 -47.24 -8.12
C GLN A 169 16.51 -46.51 -8.94
N LEU A 170 15.98 -45.44 -8.39
CA LEU A 170 15.02 -44.57 -9.05
C LEU A 170 15.67 -43.17 -9.00
N THR A 171 16.22 -42.67 -10.11
CA THR A 171 16.95 -41.40 -10.08
C THR A 171 16.04 -40.19 -9.94
N GLU A 172 16.58 -38.97 -9.75
CA GLU A 172 15.78 -37.82 -9.41
C GLU A 172 14.68 -37.49 -10.42
N HIS A 173 14.90 -37.71 -11.71
CA HIS A 173 13.88 -37.38 -12.70
C HIS A 173 12.58 -38.12 -12.48
N VAL A 174 12.57 -39.41 -12.15
CA VAL A 174 11.27 -40.09 -11.96
C VAL A 174 10.63 -39.66 -10.65
N GLN A 175 11.46 -39.24 -9.69
CA GLN A 175 10.97 -38.74 -8.42
C GLN A 175 10.25 -37.41 -8.62
N GLY A 176 10.64 -36.63 -9.62
CA GLY A 176 10.08 -35.30 -9.88
C GLY A 176 8.70 -35.28 -10.51
N ASP A 177 8.19 -36.42 -10.91
CA ASP A 177 6.82 -36.53 -11.45
C ASP A 177 5.99 -37.09 -10.28
N ILE A 178 5.36 -36.23 -9.51
CA ILE A 178 4.64 -36.61 -8.31
C ILE A 178 3.61 -37.71 -8.54
N ASP A 179 2.81 -37.62 -9.61
CA ASP A 179 1.86 -38.70 -9.85
C ASP A 179 2.53 -40.06 -10.05
N LEU A 180 3.59 -40.09 -10.87
CA LEU A 180 4.25 -41.37 -11.13
C LEU A 180 4.99 -41.94 -9.93
N ILE A 181 5.71 -41.08 -9.17
CA ILE A 181 6.43 -41.56 -7.99
C ILE A 181 5.42 -42.05 -6.96
N THR A 182 4.24 -41.41 -6.85
CA THR A 182 3.19 -41.89 -5.96
C THR A 182 2.63 -43.23 -6.44
N ARG A 183 2.42 -43.41 -7.74
CA ARG A 183 1.96 -44.71 -8.28
C ARG A 183 2.99 -45.80 -8.03
N LEU A 184 4.28 -45.47 -8.18
CA LEU A 184 5.31 -46.48 -7.93
C LEU A 184 5.29 -46.86 -6.46
N LYS A 185 5.17 -45.87 -5.56
CA LYS A 185 5.08 -46.18 -4.14
C LYS A 185 3.88 -47.09 -3.88
N ASP A 186 2.70 -46.73 -4.35
CA ASP A 186 1.50 -47.50 -4.09
C ASP A 186 1.54 -48.92 -4.64
N ALA A 187 2.24 -49.14 -5.74
CA ALA A 187 2.35 -50.47 -6.34
C ALA A 187 3.54 -51.23 -5.77
N GLY A 188 4.29 -50.58 -4.87
CA GLY A 188 5.43 -51.25 -4.26
C GLY A 188 6.63 -51.32 -5.19
N VAL A 189 6.75 -50.41 -6.17
CA VAL A 189 7.90 -50.40 -7.06
C VAL A 189 8.97 -49.52 -6.42
N VAL A 190 9.69 -50.09 -5.46
CA VAL A 190 10.68 -49.40 -4.64
C VAL A 190 12.00 -50.16 -4.64
N PRO A 191 13.04 -49.55 -4.09
CA PRO A 191 14.35 -50.18 -4.05
C PRO A 191 14.15 -51.58 -3.50
N ASN A 192 14.81 -52.55 -4.12
CA ASN A 192 14.83 -53.95 -3.78
C ASN A 192 13.53 -54.72 -3.98
N ALA A 193 12.53 -54.15 -4.62
CA ALA A 193 11.30 -54.83 -4.96
C ALA A 193 11.47 -55.68 -6.21
N ARG A 194 10.79 -56.82 -6.25
CA ARG A 194 10.80 -57.69 -7.43
C ARG A 194 9.62 -57.44 -8.32
N VAL A 195 9.89 -57.14 -9.60
CA VAL A 195 8.85 -56.88 -10.57
C VAL A 195 9.22 -57.55 -11.90
N THR A 196 8.25 -57.53 -12.82
CA THR A 196 8.52 -58.02 -14.17
C THR A 196 8.36 -56.83 -15.10
N VAL A 197 9.23 -56.73 -16.11
CA VAL A 197 9.16 -55.56 -16.99
C VAL A 197 9.12 -55.99 -18.45
N GLU A 198 8.40 -55.25 -19.28
CA GLU A 198 8.31 -55.58 -20.69
C GLU A 198 8.44 -54.30 -21.50
N THR A 199 9.23 -54.38 -22.56
CA THR A 199 9.47 -53.22 -23.43
C THR A 199 8.21 -52.91 -24.25
N THR A 200 7.96 -51.62 -24.38
CA THR A 200 6.82 -51.11 -25.14
C THR A 200 7.31 -50.54 -26.45
N PRO A 201 6.48 -50.62 -27.49
CA PRO A 201 6.79 -50.14 -28.82
C PRO A 201 7.68 -48.91 -28.93
N GLY A 202 7.26 -47.79 -28.36
CA GLY A 202 7.99 -46.55 -28.42
C GLY A 202 9.04 -46.27 -27.39
N GLY A 203 9.86 -47.24 -26.99
CA GLY A 203 10.91 -47.03 -26.01
C GLY A 203 10.48 -47.10 -24.55
N GLY A 204 9.17 -47.11 -24.31
CA GLY A 204 8.64 -47.16 -22.96
C GLY A 204 8.76 -48.58 -22.41
N VAL A 205 8.49 -48.74 -21.11
CA VAL A 205 8.58 -50.04 -20.47
C VAL A 205 7.34 -50.21 -19.60
N THR A 206 6.76 -51.39 -19.57
CA THR A 206 5.60 -51.60 -18.70
C THR A 206 6.04 -52.41 -17.49
N ILE A 207 5.70 -51.95 -16.30
CA ILE A 207 6.05 -52.70 -15.09
C ILE A 207 4.79 -53.43 -14.63
N VAL A 208 4.92 -54.73 -14.43
CA VAL A 208 3.80 -55.55 -13.98
C VAL A 208 4.06 -55.97 -12.53
N ILE A 209 3.12 -55.72 -11.65
CA ILE A 209 3.19 -56.04 -10.24
C ILE A 209 1.92 -56.79 -9.84
N PRO A 210 2.07 -57.96 -9.27
CA PRO A 210 0.92 -58.77 -8.89
C PRO A 210 0.07 -58.01 -7.89
N GLY A 211 -1.23 -57.90 -8.19
CA GLY A 211 -2.17 -57.25 -7.31
C GLY A 211 -2.35 -55.77 -7.55
N HIS A 212 -1.66 -55.19 -8.54
CA HIS A 212 -1.79 -53.75 -8.83
C HIS A 212 -1.92 -53.54 -10.34
N GLU A 213 -2.36 -52.34 -10.71
CA GLU A 213 -2.45 -52.05 -12.14
C GLU A 213 -1.05 -51.83 -12.69
N ASN A 214 -0.83 -52.21 -13.93
CA ASN A 214 0.44 -52.02 -14.60
C ASN A 214 0.87 -50.55 -14.49
N VAL A 215 2.18 -50.34 -14.40
CA VAL A 215 2.70 -48.96 -14.40
C VAL A 215 3.57 -48.86 -15.66
N THR A 216 3.14 -47.99 -16.56
CA THR A 216 3.91 -47.86 -17.81
C THR A 216 4.82 -46.65 -17.71
N LEU A 217 6.09 -46.83 -18.05
CA LEU A 217 7.01 -45.69 -17.97
C LEU A 217 7.36 -45.19 -19.38
N PRO A 218 7.21 -43.89 -19.61
CA PRO A 218 7.70 -43.32 -20.86
C PRO A 218 9.21 -43.57 -20.89
N HIS A 219 9.83 -43.53 -22.06
CA HIS A 219 11.25 -43.76 -22.24
C HIS A 219 12.11 -42.88 -21.36
N GLU A 220 11.79 -41.61 -21.20
CA GLU A 220 12.56 -40.71 -20.34
C GLU A 220 12.53 -41.12 -18.87
N MET A 221 11.49 -41.81 -18.43
CA MET A 221 11.44 -42.29 -17.05
C MET A 221 12.11 -43.65 -16.88
N ALA A 222 12.02 -44.47 -17.92
CA ALA A 222 12.70 -45.74 -17.96
C ALA A 222 14.20 -45.52 -17.84
N HIS A 223 14.76 -44.44 -18.39
CA HIS A 223 16.17 -44.12 -18.22
C HIS A 223 16.54 -43.89 -16.74
N ALA A 224 15.57 -43.45 -15.93
CA ALA A 224 15.79 -43.12 -14.54
C ALA A 224 15.65 -44.32 -13.60
N VAL A 225 15.44 -45.53 -14.11
CA VAL A 225 15.31 -46.70 -13.23
C VAL A 225 16.41 -47.71 -13.50
N LYS A 226 17.17 -48.07 -12.46
CA LYS A 226 18.23 -49.04 -12.67
C LYS A 226 17.84 -50.32 -11.92
N VAL A 227 17.98 -51.45 -12.59
CA VAL A 227 17.57 -52.74 -12.04
C VAL A 227 18.69 -53.75 -12.21
N GLU A 228 18.38 -54.95 -11.73
CA GLU A 228 19.22 -56.12 -11.84
C GLU A 228 18.33 -57.29 -12.29
N LYS A 229 18.73 -58.03 -13.31
CA LYS A 229 17.91 -59.17 -13.74
C LYS A 229 17.92 -60.21 -12.63
N VAL A 230 16.79 -60.86 -12.34
CA VAL A 230 16.77 -61.86 -11.27
C VAL A 230 17.55 -63.10 -11.69
N MET B 1 22.84 -17.30 -5.02
CA MET B 1 21.41 -17.03 -4.83
C MET B 1 21.18 -15.80 -3.95
N ASN B 2 19.92 -15.55 -3.68
CA ASN B 2 19.47 -14.49 -2.78
C ASN B 2 19.88 -14.92 -1.37
N GLU B 3 20.80 -14.20 -0.75
CA GLU B 3 21.25 -14.44 0.61
C GLU B 3 20.11 -14.54 1.62
N LEU B 4 19.01 -13.83 1.42
CA LEU B 4 17.89 -13.87 2.36
C LEU B 4 17.00 -15.08 2.16
N VAL B 5 17.18 -15.75 1.02
CA VAL B 5 16.43 -16.91 0.61
C VAL B 5 15.03 -16.49 0.15
N ASP B 6 14.21 -15.94 1.03
CA ASP B 6 12.89 -15.42 0.66
C ASP B 6 12.83 -13.99 1.22
N THR B 7 13.10 -12.99 0.40
CA THR B 7 13.11 -11.60 0.85
C THR B 7 11.82 -11.18 1.54
N THR B 8 10.67 -11.41 0.94
CA THR B 8 9.40 -11.03 1.55
C THR B 8 9.20 -11.66 2.92
N GLU B 9 9.50 -12.96 3.06
CA GLU B 9 9.38 -13.58 4.38
C GLU B 9 10.34 -12.98 5.40
N MET B 10 11.53 -12.57 5.01
CA MET B 10 12.45 -11.96 5.99
C MET B 10 11.95 -10.58 6.39
N TYR B 11 11.30 -9.85 5.49
CA TYR B 11 10.72 -8.54 5.88
C TYR B 11 9.65 -8.77 6.93
N LEU B 12 8.79 -9.77 6.73
CA LEU B 12 7.75 -10.10 7.68
C LEU B 12 8.31 -10.55 9.03
N ARG B 13 9.29 -11.47 9.02
CA ARG B 13 9.81 -11.95 10.30
C ARG B 13 10.57 -10.84 11.04
N THR B 14 11.26 -9.97 10.34
CA THR B 14 12.01 -8.90 10.96
C THR B 14 11.05 -7.97 11.73
N ILE B 15 9.91 -7.66 11.11
CA ILE B 15 8.91 -6.80 11.75
C ILE B 15 8.35 -7.49 12.98
N TYR B 16 8.08 -8.79 12.87
CA TYR B 16 7.63 -9.59 14.00
C TYR B 16 8.70 -9.62 15.08
N ASP B 17 9.96 -9.78 14.68
CA ASP B 17 11.08 -9.78 15.62
C ASP B 17 11.09 -8.45 16.40
N LEU B 18 11.01 -7.33 15.68
CA LEU B 18 11.01 -6.00 16.33
C LEU B 18 9.87 -5.87 17.32
N GLU B 19 8.71 -6.41 17.02
CA GLU B 19 7.57 -6.41 17.93
C GLU B 19 7.88 -7.27 19.14
N GLU B 20 8.59 -8.39 18.97
CA GLU B 20 8.98 -9.22 20.10
C GLU B 20 9.99 -8.51 20.99
N GLU B 21 10.80 -7.63 20.47
CA GLU B 21 11.79 -6.88 21.20
C GLU B 21 11.17 -5.66 21.90
N GLY B 22 9.96 -5.28 21.53
CA GLY B 22 9.28 -4.13 22.14
C GLY B 22 9.90 -2.85 21.58
N VAL B 23 10.29 -2.86 20.31
CA VAL B 23 10.90 -1.64 19.74
C VAL B 23 9.99 -1.26 18.58
N THR B 24 10.13 -0.08 17.99
CA THR B 24 9.21 0.24 16.90
C THR B 24 9.74 -0.22 15.56
N PRO B 25 8.90 -1.03 14.92
CA PRO B 25 9.21 -1.59 13.61
C PRO B 25 9.29 -0.46 12.59
N LEU B 26 10.47 -0.21 12.10
CA LEU B 26 10.80 0.82 11.15
C LEU B 26 11.62 0.29 9.98
N ARG B 27 11.53 1.00 8.85
CA ARG B 27 12.31 0.69 7.67
C ARG B 27 13.81 0.76 7.92
N ALA B 28 14.28 1.67 8.76
CA ALA B 28 15.70 1.77 9.09
C ALA B 28 16.25 0.51 9.75
N ARG B 29 15.44 -0.14 10.56
CA ARG B 29 15.85 -1.38 11.23
C ARG B 29 15.94 -2.52 10.23
N ILE B 30 14.98 -2.55 9.29
CA ILE B 30 15.00 -3.58 8.24
C ILE B 30 16.26 -3.45 7.40
N ALA B 31 16.59 -2.24 6.97
CA ALA B 31 17.80 -1.99 6.21
C ALA B 31 19.07 -2.45 6.92
N GLU B 32 19.20 -2.16 8.23
CA GLU B 32 20.37 -2.51 8.99
C GLU B 32 20.52 -4.02 9.16
N ARG B 33 19.45 -4.67 9.59
CA ARG B 33 19.42 -6.09 9.87
C ARG B 33 19.46 -6.97 8.63
N LEU B 34 18.89 -6.54 7.51
CA LEU B 34 18.92 -7.35 6.30
C LEU B 34 19.97 -6.87 5.32
N ASP B 35 20.78 -5.90 5.71
CA ASP B 35 21.82 -5.34 4.86
C ASP B 35 21.29 -4.97 3.47
N GLN B 36 20.34 -4.03 3.44
CA GLN B 36 19.75 -3.55 2.20
C GLN B 36 19.68 -2.03 2.27
N SER B 37 19.82 -1.37 1.13
CA SER B 37 19.82 0.10 1.11
C SER B 37 18.46 0.68 1.48
N GLY B 38 18.47 1.98 1.77
CA GLY B 38 17.26 2.72 2.11
C GLY B 38 16.22 2.59 1.00
N PRO B 39 16.60 2.99 -0.21
CA PRO B 39 15.77 2.89 -1.38
C PRO B 39 15.18 1.50 -1.58
N THR B 40 16.03 0.48 -1.48
CA THR B 40 15.61 -0.91 -1.65
C THR B 40 14.59 -1.30 -0.59
N VAL B 41 14.80 -1.00 0.69
CA VAL B 41 13.76 -1.41 1.65
C VAL B 41 12.52 -0.57 1.42
N SER B 42 12.65 0.72 1.07
CA SER B 42 11.42 1.47 0.77
C SER B 42 10.66 0.85 -0.38
N GLN B 43 11.33 0.50 -1.48
CA GLN B 43 10.61 -0.12 -2.61
C GLN B 43 9.95 -1.42 -2.20
N THR B 44 10.66 -2.27 -1.45
CA THR B 44 10.07 -3.55 -1.06
C THR B 44 8.88 -3.41 -0.15
N VAL B 45 8.96 -2.51 0.83
CA VAL B 45 7.84 -2.27 1.74
C VAL B 45 6.63 -1.76 0.97
N SER B 46 6.85 -0.87 0.00
CA SER B 46 5.70 -0.36 -0.78
C SER B 46 5.02 -1.50 -1.53
N ARG B 47 5.83 -2.40 -2.08
CA ARG B 47 5.30 -3.58 -2.79
C ARG B 47 4.52 -4.45 -1.82
N MET B 48 5.03 -4.65 -0.59
CA MET B 48 4.33 -5.44 0.42
C MET B 48 3.04 -4.75 0.84
N GLU B 49 3.08 -3.43 0.92
CA GLU B 49 1.91 -2.62 1.27
C GLU B 49 0.87 -2.78 0.16
N ARG B 50 1.33 -2.70 -1.10
CA ARG B 50 0.45 -2.93 -2.23
C ARG B 50 -0.20 -4.31 -2.12
N ASP B 51 0.58 -5.32 -1.72
CA ASP B 51 0.06 -6.68 -1.66
C ASP B 51 -0.73 -7.02 -0.43
N GLY B 52 -1.12 -6.06 0.40
CA GLY B 52 -1.93 -6.23 1.57
C GLY B 52 -1.21 -6.90 2.75
N LEU B 53 0.10 -6.77 2.80
CA LEU B 53 0.87 -7.43 3.85
C LEU B 53 1.25 -6.53 5.02
N LEU B 54 1.53 -5.27 4.74
CA LEU B 54 1.97 -4.31 5.73
C LEU B 54 1.18 -3.00 5.67
N ARG B 55 1.23 -2.19 6.72
CA ARG B 55 0.60 -0.87 6.70
C ARG B 55 1.63 0.14 7.19
N VAL B 56 1.94 1.16 6.40
CA VAL B 56 2.91 2.16 6.82
C VAL B 56 2.16 3.37 7.39
N ALA B 57 2.55 3.83 8.57
CA ALA B 57 1.85 4.97 9.18
C ALA B 57 2.55 6.28 8.87
N GLY B 58 1.82 7.38 9.09
CA GLY B 58 2.36 8.73 8.89
C GLY B 58 3.63 8.96 9.69
N ASP B 59 3.69 8.43 10.91
CA ASP B 59 4.86 8.54 11.78
C ASP B 59 5.97 7.55 11.44
N ARG B 60 5.84 6.75 10.39
CA ARG B 60 6.84 5.85 9.87
C ARG B 60 6.80 4.44 10.41
N HIS B 61 6.09 4.15 11.49
CA HIS B 61 6.11 2.81 12.04
C HIS B 61 5.39 1.85 11.09
N LEU B 62 5.90 0.62 11.09
CA LEU B 62 5.37 -0.43 10.23
C LEU B 62 4.50 -1.38 11.04
N GLU B 63 3.37 -1.75 10.46
CA GLU B 63 2.50 -2.72 11.12
C GLU B 63 2.21 -3.85 10.13
N LEU B 64 1.88 -5.02 10.67
CA LEU B 64 1.52 -6.15 9.84
C LEU B 64 0.00 -6.17 9.72
N THR B 65 -0.48 -6.41 8.50
CA THR B 65 -1.94 -6.51 8.37
C THR B 65 -2.30 -7.87 8.96
N GLU B 66 -3.57 -8.23 8.99
CA GLU B 66 -3.95 -9.55 9.46
C GLU B 66 -3.38 -10.61 8.50
N LYS B 67 -3.38 -10.32 7.21
CA LYS B 67 -2.82 -11.22 6.20
C LYS B 67 -1.32 -11.43 6.38
N GLY B 68 -0.58 -10.32 6.51
CA GLY B 68 0.85 -10.37 6.72
C GLY B 68 1.24 -11.00 8.05
N ARG B 69 0.40 -10.85 9.08
CA ARG B 69 0.69 -11.39 10.40
C ARG B 69 0.63 -12.91 10.42
N ALA B 70 -0.38 -13.48 9.75
CA ALA B 70 -0.52 -14.92 9.65
C ALA B 70 0.70 -15.53 8.94
N LEU B 71 1.21 -14.86 7.92
CA LEU B 71 2.36 -15.34 7.16
C LEU B 71 3.62 -15.22 8.02
N ALA B 72 3.75 -14.14 8.76
CA ALA B 72 4.89 -13.94 9.67
C ALA B 72 4.93 -15.02 10.71
N ILE B 73 3.80 -15.33 11.34
CA ILE B 73 3.68 -16.39 12.33
C ILE B 73 4.10 -17.74 11.74
N ALA B 74 3.65 -18.06 10.54
CA ALA B 74 4.01 -19.30 9.86
C ALA B 74 5.52 -19.38 9.64
N VAL B 75 6.20 -18.32 9.26
CA VAL B 75 7.65 -18.36 9.11
C VAL B 75 8.35 -18.58 10.44
N MET B 76 7.93 -17.86 11.48
CA MET B 76 8.55 -17.97 12.80
C MET B 76 8.34 -19.35 13.38
N ARG B 77 7.19 -19.96 13.11
CA ARG B 77 6.86 -21.28 13.59
C ARG B 77 7.81 -22.29 12.96
N LYS B 78 8.05 -22.16 11.65
CA LYS B 78 8.99 -23.04 10.96
C LYS B 78 10.40 -22.80 11.53
N HIS B 79 10.73 -21.54 11.77
CA HIS B 79 12.04 -21.21 12.34
C HIS B 79 12.30 -21.91 13.67
N ARG B 80 11.37 -21.80 14.60
CA ARG B 80 11.54 -22.35 15.95
C ARG B 80 11.41 -23.85 16.01
N LEU B 81 10.62 -24.46 15.13
CA LEU B 81 10.54 -25.91 15.05
C LEU B 81 11.85 -26.43 14.42
N ALA B 82 12.41 -25.72 13.46
CA ALA B 82 13.68 -26.12 12.85
C ALA B 82 14.83 -26.04 13.87
N GLU B 83 14.85 -25.01 14.71
CA GLU B 83 15.86 -24.89 15.76
C GLU B 83 15.75 -26.04 16.76
N ARG B 84 14.54 -26.43 17.15
CA ARG B 84 14.40 -27.57 18.07
C ARG B 84 14.91 -28.86 17.43
N LEU B 85 14.60 -29.10 16.16
CA LEU B 85 15.10 -30.25 15.43
C LEU B 85 16.63 -30.21 15.39
N LEU B 86 17.19 -29.06 15.02
CA LEU B 86 18.64 -28.91 14.92
C LEU B 86 19.36 -29.15 16.22
N VAL B 87 18.85 -28.63 17.34
CA VAL B 87 19.48 -28.81 18.63
C VAL B 87 19.25 -30.21 19.18
N ASP B 88 18.00 -30.63 19.30
CA ASP B 88 17.64 -31.83 20.01
C ASP B 88 17.86 -33.13 19.23
N VAL B 89 17.70 -33.11 17.91
CA VAL B 89 17.80 -34.36 17.16
C VAL B 89 19.06 -34.39 16.33
N ILE B 90 19.31 -33.30 15.60
CA ILE B 90 20.53 -33.29 14.78
C ILE B 90 21.79 -33.05 15.59
N GLY B 91 21.77 -32.33 16.70
CA GLY B 91 22.99 -32.10 17.47
C GLY B 91 23.87 -30.98 16.96
N LEU B 92 23.33 -30.04 16.19
CA LEU B 92 24.17 -28.91 15.76
C LEU B 92 24.32 -28.05 17.03
N PRO B 93 25.48 -27.46 17.24
CA PRO B 93 25.71 -26.60 18.38
C PRO B 93 24.64 -25.51 18.49
N TRP B 94 24.23 -25.22 19.71
CA TRP B 94 23.25 -24.24 20.09
C TRP B 94 23.43 -22.91 19.39
N GLU B 95 24.61 -22.29 19.45
CA GLU B 95 24.90 -21.02 18.86
C GLU B 95 24.94 -21.00 17.34
N GLU B 96 24.81 -22.14 16.68
CA GLU B 96 24.79 -22.25 15.23
C GLU B 96 23.40 -22.58 14.69
N VAL B 97 22.41 -22.94 15.52
CA VAL B 97 21.14 -23.34 14.91
C VAL B 97 20.37 -22.17 14.33
N HIS B 98 20.58 -20.95 14.84
CA HIS B 98 19.83 -19.79 14.37
C HIS B 98 20.12 -19.49 12.90
N ALA B 99 21.38 -19.38 12.47
CA ALA B 99 21.68 -19.07 11.08
C ALA B 99 21.11 -20.16 10.19
N GLU B 100 21.25 -21.42 10.57
CA GLU B 100 20.71 -22.53 9.79
C GLU B 100 19.19 -22.41 9.68
N ALA B 101 18.48 -22.27 10.81
CA ALA B 101 17.03 -22.13 10.83
C ALA B 101 16.54 -20.91 10.07
N CYS B 102 17.33 -19.86 10.01
CA CYS B 102 16.97 -18.66 9.25
C CYS B 102 16.90 -19.03 7.77
N ARG B 103 17.67 -20.00 7.30
CA ARG B 103 17.54 -20.43 5.91
C ARG B 103 16.42 -21.45 5.77
N TRP B 104 16.31 -22.43 6.66
CA TRP B 104 15.32 -23.48 6.58
C TRP B 104 13.88 -23.00 6.73
N GLU B 105 13.64 -21.94 7.48
CA GLU B 105 12.30 -21.40 7.67
C GLU B 105 11.62 -21.02 6.37
N HIS B 106 12.36 -20.72 5.31
CA HIS B 106 11.81 -20.36 4.01
C HIS B 106 11.52 -21.56 3.12
N VAL B 107 11.92 -22.78 3.44
CA VAL B 107 11.62 -23.91 2.55
C VAL B 107 10.88 -25.07 3.18
N MET B 108 10.67 -25.06 4.50
CA MET B 108 9.96 -26.16 5.16
C MET B 108 8.46 -26.12 4.86
N SER B 109 7.84 -27.22 4.52
CA SER B 109 6.40 -27.27 4.29
C SER B 109 5.68 -27.39 5.63
N GLU B 110 4.37 -27.21 5.65
CA GLU B 110 3.56 -27.39 6.84
C GLU B 110 3.43 -28.86 7.19
N ASP B 111 3.50 -29.73 6.18
CA ASP B 111 3.51 -31.17 6.45
C ASP B 111 4.74 -31.56 7.28
N VAL B 112 5.91 -31.01 6.98
CA VAL B 112 7.09 -31.32 7.80
C VAL B 112 6.89 -30.75 9.20
N GLU B 113 6.40 -29.51 9.28
CA GLU B 113 6.11 -28.91 10.59
C GLU B 113 5.23 -29.82 11.44
N ARG B 114 4.14 -30.34 10.88
CA ARG B 114 3.23 -31.19 11.66
C ARG B 114 3.92 -32.48 12.08
N ARG B 115 4.79 -33.02 11.23
CA ARG B 115 5.59 -34.18 11.61
C ARG B 115 6.57 -33.81 12.71
N LEU B 116 7.16 -32.62 12.63
CA LEU B 116 8.08 -32.20 13.69
C LEU B 116 7.40 -32.02 15.04
N VAL B 117 6.15 -31.58 15.04
CA VAL B 117 5.44 -31.43 16.33
C VAL B 117 5.37 -32.77 17.05
N LYS B 118 5.09 -33.84 16.31
CA LYS B 118 4.98 -35.18 16.86
C LYS B 118 6.36 -35.77 17.13
N VAL B 119 7.35 -35.54 16.28
CA VAL B 119 8.70 -36.07 16.52
C VAL B 119 9.39 -35.38 17.70
N LEU B 120 9.16 -34.08 17.86
CA LEU B 120 9.77 -33.33 18.96
C LEU B 120 8.91 -33.37 20.21
N ASN B 121 7.85 -34.15 20.25
CA ASN B 121 7.00 -34.33 21.42
C ASN B 121 6.31 -33.08 21.93
N ASN B 122 5.58 -32.43 21.05
CA ASN B 122 4.81 -31.23 21.33
C ASN B 122 5.63 -30.14 22.01
N PRO B 123 6.59 -29.60 21.28
CA PRO B 123 7.43 -28.52 21.78
C PRO B 123 6.61 -27.24 21.85
N THR B 124 6.80 -26.41 22.89
CA THR B 124 6.03 -25.16 22.97
C THR B 124 6.99 -23.98 22.87
N THR B 125 8.29 -24.28 22.98
CA THR B 125 9.28 -23.21 22.93
C THR B 125 10.46 -23.62 22.02
N SER B 126 11.21 -22.63 21.58
CA SER B 126 12.43 -22.90 20.81
C SER B 126 13.56 -23.17 21.80
N PRO B 127 14.75 -23.48 21.32
CA PRO B 127 15.91 -23.71 22.18
C PRO B 127 16.32 -22.45 22.93
N PHE B 128 15.89 -21.27 22.47
CA PHE B 128 16.20 -20.02 23.12
C PHE B 128 15.05 -19.56 24.01
N GLY B 129 14.10 -20.44 24.33
CA GLY B 129 13.00 -20.13 25.22
C GLY B 129 11.86 -19.34 24.61
N ASN B 130 11.92 -18.98 23.33
CA ASN B 130 10.81 -18.23 22.73
C ASN B 130 9.62 -19.13 22.41
N PRO B 131 8.40 -18.66 22.65
CA PRO B 131 7.21 -19.43 22.35
C PRO B 131 7.14 -19.73 20.85
N ILE B 132 6.64 -20.93 20.55
CA ILE B 132 6.45 -21.28 19.14
C ILE B 132 5.02 -20.85 18.82
N PRO B 133 4.88 -19.86 17.97
CA PRO B 133 3.57 -19.34 17.60
C PRO B 133 2.91 -20.11 16.47
N GLY B 134 1.61 -19.93 16.31
CA GLY B 134 0.85 -20.54 15.24
C GLY B 134 0.59 -22.01 15.28
N LEU B 135 0.68 -22.67 16.44
CA LEU B 135 0.42 -24.11 16.47
C LEU B 135 -1.06 -24.40 16.25
N ASP B 136 -1.91 -23.48 16.71
CA ASP B 136 -3.35 -23.59 16.52
C ASP B 136 -3.63 -23.67 15.02
N GLU B 137 -3.18 -22.65 14.29
CA GLU B 137 -3.38 -22.54 12.85
C GLU B 137 -2.61 -23.59 12.06
N LEU B 138 -1.59 -24.20 12.65
CA LEU B 138 -0.88 -25.30 12.04
C LEU B 138 -1.83 -26.49 12.00
N GLY B 139 -2.60 -26.65 13.08
CA GLY B 139 -3.59 -27.70 13.15
C GLY B 139 -3.43 -28.53 14.41
N VAL B 140 -2.49 -28.14 15.25
CA VAL B 140 -2.25 -28.90 16.49
C VAL B 140 -2.70 -28.15 17.72
N LEU B 151 6.81 -11.73 33.14
CA LEU B 151 7.99 -11.60 32.30
C LEU B 151 8.40 -10.15 32.10
N VAL B 152 9.68 -9.85 32.35
CA VAL B 152 10.18 -8.50 32.17
C VAL B 152 11.39 -8.55 31.23
N ARG B 153 11.57 -7.47 30.49
CA ARG B 153 12.68 -7.33 29.55
C ARG B 153 13.87 -6.76 30.30
N LEU B 154 15.10 -7.07 29.90
CA LEU B 154 16.29 -6.57 30.55
C LEU B 154 16.51 -5.07 30.54
N THR B 155 15.72 -4.28 29.83
CA THR B 155 15.87 -2.84 29.78
C THR B 155 14.96 -2.13 30.79
N GLU B 156 14.15 -2.90 31.51
CA GLU B 156 13.24 -2.39 32.50
C GLU B 156 13.72 -2.61 33.93
N LEU B 157 15.03 -2.50 34.16
CA LEU B 157 15.60 -2.72 35.48
C LEU B 157 16.09 -1.43 36.12
N PRO B 158 15.90 -1.32 37.43
CA PRO B 158 16.33 -0.15 38.19
C PRO B 158 17.79 0.13 37.88
N ALA B 159 18.17 1.38 37.69
CA ALA B 159 19.53 1.72 37.32
C ALA B 159 20.54 1.59 38.46
N GLY B 160 21.75 1.22 38.05
CA GLY B 160 22.88 1.09 38.95
C GLY B 160 22.74 0.10 40.08
N SER B 161 22.00 -0.99 39.95
CA SER B 161 21.85 -1.99 41.00
C SER B 161 21.66 -3.40 40.43
N PRO B 162 22.26 -4.37 41.10
CA PRO B 162 22.16 -5.76 40.71
C PRO B 162 20.83 -6.38 41.09
N VAL B 163 20.41 -7.41 40.33
CA VAL B 163 19.16 -8.09 40.62
C VAL B 163 19.23 -9.54 40.20
N ALA B 164 18.66 -10.44 41.00
CA ALA B 164 18.65 -11.86 40.72
C ALA B 164 17.47 -12.23 39.83
N VAL B 165 17.75 -12.77 38.64
CA VAL B 165 16.72 -13.11 37.68
C VAL B 165 16.83 -14.54 37.15
N VAL B 166 15.77 -15.00 36.49
CA VAL B 166 15.73 -16.30 35.84
C VAL B 166 15.58 -16.04 34.33
N VAL B 167 16.54 -16.50 33.53
CA VAL B 167 16.49 -16.27 32.08
C VAL B 167 15.35 -17.04 31.46
N ARG B 168 14.54 -16.38 30.63
CA ARG B 168 13.40 -17.05 30.00
C ARG B 168 13.50 -17.08 28.48
N GLN B 169 13.90 -15.99 27.85
CA GLN B 169 13.97 -15.90 26.40
C GLN B 169 15.13 -15.08 25.87
N LEU B 170 15.64 -15.49 24.71
CA LEU B 170 16.66 -14.75 23.98
C LEU B 170 16.04 -14.65 22.58
N THR B 171 15.50 -13.50 22.20
CA THR B 171 14.79 -13.41 20.92
C THR B 171 15.71 -13.48 19.73
N GLU B 172 15.15 -13.49 18.50
CA GLU B 172 15.98 -13.66 17.32
C GLU B 172 17.05 -12.64 17.08
N HIS B 173 16.89 -11.38 17.48
CA HIS B 173 17.93 -10.39 17.20
C HIS B 173 19.26 -10.77 17.86
N VAL B 174 19.21 -11.16 19.14
CA VAL B 174 20.47 -11.47 19.83
C VAL B 174 21.10 -12.75 19.31
N GLN B 175 20.33 -13.66 18.74
CA GLN B 175 20.92 -14.88 18.15
C GLN B 175 21.72 -14.56 16.91
N GLY B 176 21.44 -13.43 16.24
CA GLY B 176 22.14 -13.01 15.05
C GLY B 176 23.58 -12.57 15.31
N ASP B 177 23.91 -12.32 16.56
CA ASP B 177 25.28 -11.96 16.95
C ASP B 177 25.90 -13.21 17.58
N ILE B 178 26.59 -14.00 16.76
CA ILE B 178 27.24 -15.22 17.15
C ILE B 178 28.26 -15.04 18.28
N ASP B 179 29.12 -14.05 18.18
CA ASP B 179 30.12 -13.82 19.22
C ASP B 179 29.45 -13.61 20.57
N LEU B 180 28.44 -12.74 20.60
CA LEU B 180 27.71 -12.46 21.82
C LEU B 180 26.93 -13.65 22.32
N ILE B 181 26.25 -14.36 21.42
CA ILE B 181 25.50 -15.56 21.85
C ILE B 181 26.43 -16.60 22.43
N THR B 182 27.64 -16.75 21.90
CA THR B 182 28.61 -17.69 22.47
C THR B 182 29.02 -17.27 23.87
N ARG B 183 29.31 -15.98 24.07
CA ARG B 183 29.65 -15.45 25.39
C ARG B 183 28.54 -15.68 26.40
N LEU B 184 27.27 -15.44 26.02
CA LEU B 184 26.13 -15.64 26.89
C LEU B 184 25.96 -17.10 27.28
N LYS B 185 26.07 -17.98 26.27
CA LYS B 185 25.99 -19.41 26.53
C LYS B 185 27.06 -19.83 27.55
N ASP B 186 28.31 -19.40 27.32
CA ASP B 186 29.41 -19.76 28.20
C ASP B 186 29.20 -19.24 29.63
N ALA B 187 28.55 -18.09 29.74
CA ALA B 187 28.23 -17.47 31.03
C ALA B 187 26.99 -18.05 31.66
N GLY B 188 26.32 -19.02 31.04
CA GLY B 188 25.15 -19.63 31.63
C GLY B 188 23.89 -18.79 31.44
N VAL B 189 23.90 -17.86 30.50
CA VAL B 189 22.71 -17.08 30.19
C VAL B 189 21.89 -17.86 29.18
N VAL B 190 21.14 -18.84 29.66
CA VAL B 190 20.37 -19.78 28.86
C VAL B 190 19.00 -19.94 29.50
N PRO B 191 18.01 -20.34 28.73
CA PRO B 191 16.67 -20.49 29.27
C PRO B 191 16.73 -21.29 30.56
N ASN B 192 15.94 -20.79 31.49
CA ASN B 192 15.70 -21.28 32.82
C ASN B 192 16.90 -21.24 33.75
N ALA B 193 17.99 -20.53 33.43
CA ALA B 193 19.12 -20.45 34.32
C ALA B 193 19.00 -19.20 35.20
N ARG B 194 19.53 -19.26 36.41
CA ARG B 194 19.47 -18.10 37.30
C ARG B 194 20.78 -17.35 37.12
N VAL B 195 20.70 -16.04 37.06
CA VAL B 195 21.86 -15.17 36.89
C VAL B 195 21.54 -13.84 37.58
N THR B 196 22.55 -13.06 37.91
CA THR B 196 22.31 -11.75 38.52
C THR B 196 22.84 -10.72 37.52
N VAL B 197 22.06 -9.70 37.22
CA VAL B 197 22.46 -8.69 36.27
C VAL B 197 22.58 -7.33 36.96
N GLU B 198 23.21 -6.39 36.27
CA GLU B 198 23.43 -5.04 36.78
C GLU B 198 23.25 -4.06 35.64
N THR B 199 22.59 -2.94 35.89
CA THR B 199 22.32 -1.93 34.88
C THR B 199 23.50 -1.01 34.62
N THR B 200 23.89 -0.90 33.34
CA THR B 200 24.95 -0.01 32.94
C THR B 200 24.32 1.33 32.56
N PRO B 201 24.88 2.41 33.08
CA PRO B 201 24.38 3.76 32.86
C PRO B 201 23.83 4.07 31.49
N GLY B 202 24.61 3.88 30.43
CA GLY B 202 24.21 4.18 29.07
C GLY B 202 23.36 3.19 28.31
N GLY B 203 22.26 2.72 28.87
CA GLY B 203 21.35 1.79 28.21
C GLY B 203 21.63 0.32 28.37
N GLY B 204 22.86 -0.11 28.14
CA GLY B 204 23.27 -1.50 28.24
C GLY B 204 23.07 -2.09 29.62
N VAL B 205 23.06 -3.42 29.68
CA VAL B 205 22.89 -4.18 30.93
C VAL B 205 24.14 -5.03 31.13
N THR B 206 24.40 -5.56 32.31
CA THR B 206 25.59 -6.37 32.53
C THR B 206 25.28 -7.64 33.32
N ILE B 207 25.82 -8.75 32.83
CA ILE B 207 25.66 -10.05 33.49
C ILE B 207 26.83 -10.14 34.48
N VAL B 208 26.56 -10.28 35.77
CA VAL B 208 27.69 -10.32 36.73
C VAL B 208 28.39 -11.66 36.80
N ILE B 209 29.70 -11.69 36.50
CA ILE B 209 30.45 -12.94 36.56
C ILE B 209 31.56 -12.86 37.62
N PRO B 210 31.35 -13.50 38.75
CA PRO B 210 32.27 -13.49 39.87
C PRO B 210 33.69 -13.87 39.49
N GLY B 211 34.61 -12.94 39.68
CA GLY B 211 36.00 -13.11 39.41
C GLY B 211 36.42 -13.08 37.96
N HIS B 212 35.56 -12.67 37.05
CA HIS B 212 35.89 -12.60 35.63
C HIS B 212 35.27 -11.38 34.96
N GLU B 213 35.79 -10.99 33.81
CA GLU B 213 35.20 -9.86 33.09
C GLU B 213 33.71 -10.15 32.88
N ASN B 214 32.87 -9.17 33.15
CA ASN B 214 31.43 -9.37 32.99
C ASN B 214 31.03 -9.26 31.52
N VAL B 215 29.84 -9.75 31.20
CA VAL B 215 29.41 -9.67 29.79
C VAL B 215 28.36 -8.58 29.66
N THR B 216 28.70 -7.62 28.82
CA THR B 216 27.83 -6.47 28.59
C THR B 216 26.89 -6.66 27.40
N LEU B 217 25.60 -6.46 27.64
CA LEU B 217 24.63 -6.50 26.54
C LEU B 217 24.31 -5.06 26.13
N PRO B 218 24.63 -4.66 24.91
CA PRO B 218 24.23 -3.35 24.43
C PRO B 218 22.72 -3.24 24.59
N HIS B 219 22.19 -2.03 24.62
CA HIS B 219 20.76 -1.77 24.79
C HIS B 219 19.86 -2.52 23.81
N GLU B 220 20.20 -2.58 22.53
CA GLU B 220 19.37 -3.29 21.56
C GLU B 220 19.32 -4.78 21.84
N MET B 221 20.36 -5.33 22.47
CA MET B 221 20.39 -6.74 22.82
C MET B 221 19.69 -6.97 24.14
N ALA B 222 19.70 -5.96 25.04
CA ALA B 222 18.99 -6.11 26.32
C ALA B 222 17.48 -6.18 26.05
N HIS B 223 17.02 -5.49 25.01
CA HIS B 223 15.61 -5.59 24.59
C HIS B 223 15.26 -7.01 24.15
N ALA B 224 16.26 -7.77 23.69
CA ALA B 224 16.03 -9.11 23.16
C ALA B 224 16.14 -10.21 24.21
N VAL B 225 16.37 -9.82 25.47
CA VAL B 225 16.42 -10.82 26.53
C VAL B 225 15.29 -10.58 27.52
N LYS B 226 14.47 -11.61 27.69
CA LYS B 226 13.35 -11.56 28.60
C LYS B 226 13.66 -12.43 29.80
N VAL B 227 13.45 -11.86 30.99
CA VAL B 227 13.72 -12.54 32.24
C VAL B 227 12.52 -12.42 33.19
N GLU B 228 12.58 -13.22 34.23
CA GLU B 228 11.59 -13.24 35.29
C GLU B 228 12.31 -12.85 36.58
N LYS B 229 11.69 -11.97 37.35
CA LYS B 229 12.25 -11.55 38.64
C LYS B 229 12.12 -12.73 39.61
N VAL B 230 13.23 -13.13 40.24
CA VAL B 230 13.17 -14.20 41.23
C VAL B 230 12.47 -13.68 42.48
N MET C 1 -19.61 13.09 -5.17
CA MET C 1 -18.45 13.64 -5.91
C MET C 1 -17.10 13.26 -5.28
N ASN C 2 -16.04 13.74 -5.90
CA ASN C 2 -14.69 13.57 -5.40
C ASN C 2 -14.63 14.31 -4.06
N GLU C 3 -14.38 13.60 -2.97
CA GLU C 3 -14.34 14.21 -1.64
C GLU C 3 -13.30 15.31 -1.51
N LEU C 4 -12.19 15.18 -2.23
CA LEU C 4 -11.12 16.17 -2.26
C LEU C 4 -11.44 17.35 -3.16
N VAL C 5 -12.45 17.23 -4.03
CA VAL C 5 -12.84 18.24 -4.99
C VAL C 5 -11.85 18.29 -6.15
N ASP C 6 -10.58 18.59 -5.92
CA ASP C 6 -9.56 18.57 -6.96
C ASP C 6 -8.36 17.79 -6.38
N THR C 7 -8.15 16.56 -6.80
CA THR C 7 -7.09 15.72 -6.24
C THR C 7 -5.70 16.27 -6.39
N THR C 8 -5.31 16.67 -7.60
CA THR C 8 -3.98 17.22 -7.82
C THR C 8 -3.69 18.37 -6.89
N GLU C 9 -4.62 19.34 -6.79
CA GLU C 9 -4.43 20.48 -5.91
C GLU C 9 -4.30 20.09 -4.45
N MET C 10 -5.01 19.07 -3.99
CA MET C 10 -4.87 18.65 -2.61
C MET C 10 -3.52 17.96 -2.38
N TYR C 11 -2.90 17.38 -3.40
CA TYR C 11 -1.57 16.81 -3.27
C TYR C 11 -0.57 17.95 -3.21
N LEU C 12 -0.75 18.98 -4.04
CA LEU C 12 0.15 20.13 -4.01
C LEU C 12 0.07 20.88 -2.68
N ARG C 13 -1.14 21.08 -2.17
CA ARG C 13 -1.35 21.81 -0.93
C ARG C 13 -0.87 21.02 0.29
N THR C 14 -1.07 19.71 0.30
CA THR C 14 -0.65 18.86 1.41
C THR C 14 0.87 18.89 1.53
N ILE C 15 1.57 18.83 0.40
CA ILE C 15 3.02 18.94 0.37
C ILE C 15 3.45 20.32 0.83
N TYR C 16 2.75 21.36 0.37
CA TYR C 16 3.04 22.72 0.82
C TYR C 16 2.81 22.81 2.32
N ASP C 17 1.74 22.17 2.82
CA ASP C 17 1.44 22.16 4.25
C ASP C 17 2.60 21.52 5.03
N LEU C 18 3.05 20.37 4.52
CA LEU C 18 4.14 19.64 5.18
C LEU C 18 5.37 20.50 5.29
N GLU C 19 5.69 21.29 4.26
CA GLU C 19 6.82 22.19 4.32
C GLU C 19 6.55 23.30 5.33
N GLU C 20 5.30 23.78 5.43
CA GLU C 20 5.01 24.81 6.42
C GLU C 20 5.19 24.30 7.84
N GLU C 21 4.93 23.02 8.09
CA GLU C 21 5.09 22.46 9.43
C GLU C 21 6.52 21.96 9.68
N GLY C 22 7.40 22.14 8.71
CA GLY C 22 8.79 21.77 8.76
C GLY C 22 9.04 20.28 8.89
N VAL C 23 8.17 19.45 8.30
CA VAL C 23 8.34 18.01 8.41
C VAL C 23 8.53 17.42 7.01
N THR C 24 9.17 16.24 6.93
CA THR C 24 9.37 15.69 5.58
C THR C 24 8.04 15.23 5.02
N PRO C 25 7.78 15.65 3.79
CA PRO C 25 6.56 15.29 3.08
C PRO C 25 6.60 13.83 2.65
N LEU C 26 6.15 12.95 3.52
CA LEU C 26 6.16 11.51 3.25
C LEU C 26 4.88 11.05 2.56
N ARG C 27 5.03 10.07 1.65
CA ARG C 27 3.88 9.50 0.96
C ARG C 27 2.89 8.94 1.96
N ALA C 28 3.37 8.36 3.07
CA ALA C 28 2.49 7.87 4.11
C ALA C 28 1.76 9.02 4.80
N ARG C 29 2.33 10.22 4.82
CA ARG C 29 1.67 11.35 5.47
C ARG C 29 0.55 11.85 4.56
N ILE C 30 0.83 11.95 3.27
CA ILE C 30 -0.17 12.34 2.27
C ILE C 30 -1.36 11.40 2.30
N ALA C 31 -1.05 10.10 2.29
CA ALA C 31 -2.01 9.02 2.35
C ALA C 31 -2.93 9.14 3.54
N GLU C 32 -2.36 9.41 4.72
CA GLU C 32 -3.12 9.54 5.95
C GLU C 32 -4.06 10.75 5.92
N ARG C 33 -3.48 11.86 5.51
CA ARG C 33 -4.20 13.14 5.45
C ARG C 33 -5.29 13.15 4.39
N LEU C 34 -5.01 12.59 3.20
CA LEU C 34 -6.02 12.62 2.15
C LEU C 34 -6.92 11.40 2.15
N ASP C 35 -6.73 10.47 3.09
CA ASP C 35 -7.52 9.25 3.16
C ASP C 35 -7.42 8.42 1.89
N GLN C 36 -6.20 8.26 1.38
CA GLN C 36 -5.94 7.47 0.18
C GLN C 36 -4.89 6.42 0.52
N SER C 37 -4.95 5.28 -0.16
CA SER C 37 -4.02 4.18 0.06
C SER C 37 -2.62 4.51 -0.44
N GLY C 38 -1.63 3.79 0.10
CA GLY C 38 -0.24 3.90 -0.31
C GLY C 38 -0.06 3.78 -1.81
N PRO C 39 -0.59 2.72 -2.40
CA PRO C 39 -0.55 2.53 -3.85
C PRO C 39 -1.14 3.74 -4.59
N THR C 40 -2.31 4.20 -4.14
CA THR C 40 -2.94 5.36 -4.78
C THR C 40 -2.04 6.59 -4.73
N VAL C 41 -1.46 6.94 -3.57
CA VAL C 41 -0.63 8.16 -3.61
C VAL C 41 0.64 7.92 -4.42
N SER C 42 1.22 6.72 -4.36
CA SER C 42 2.41 6.41 -5.15
C SER C 42 2.19 6.69 -6.63
N GLN C 43 1.09 6.15 -7.15
CA GLN C 43 0.70 6.34 -8.54
C GLN C 43 0.44 7.80 -8.88
N THR C 44 -0.34 8.48 -8.04
CA THR C 44 -0.61 9.91 -8.29
C THR C 44 0.67 10.72 -8.27
N VAL C 45 1.57 10.41 -7.34
CA VAL C 45 2.85 11.11 -7.24
C VAL C 45 3.68 10.89 -8.48
N SER C 46 3.80 9.64 -8.94
CA SER C 46 4.56 9.37 -10.16
C SER C 46 3.94 10.12 -11.34
N ARG C 47 2.61 10.12 -11.39
CA ARG C 47 1.85 10.88 -12.38
C ARG C 47 2.19 12.36 -12.32
N MET C 48 2.20 12.94 -11.12
CA MET C 48 2.56 14.35 -10.94
C MET C 48 4.01 14.62 -11.32
N GLU C 49 4.90 13.66 -11.05
CA GLU C 49 6.30 13.77 -11.43
C GLU C 49 6.41 13.88 -12.95
N ARG C 50 5.64 13.05 -13.66
CA ARG C 50 5.58 13.05 -15.11
C ARG C 50 5.06 14.36 -15.68
N ASP C 51 4.13 15.00 -14.97
CA ASP C 51 3.54 16.25 -15.39
C ASP C 51 4.35 17.47 -14.98
N GLY C 52 5.57 17.27 -14.50
CA GLY C 52 6.47 18.32 -14.09
C GLY C 52 6.07 19.08 -12.82
N LEU C 53 5.25 18.49 -11.96
CA LEU C 53 4.83 19.14 -10.74
C LEU C 53 5.72 18.77 -9.55
N LEU C 54 6.03 17.49 -9.42
CA LEU C 54 6.88 17.05 -8.32
C LEU C 54 8.21 16.51 -8.83
N ARG C 55 9.13 16.29 -7.90
CA ARG C 55 10.45 15.76 -8.21
C ARG C 55 10.94 14.90 -7.04
N VAL C 56 10.84 13.58 -7.24
CA VAL C 56 11.28 12.64 -6.21
C VAL C 56 12.78 12.44 -6.33
N ALA C 57 13.52 12.80 -5.28
CA ALA C 57 14.97 12.67 -5.29
C ALA C 57 15.41 11.24 -5.00
N GLY C 58 16.71 11.05 -4.81
CA GLY C 58 17.27 9.73 -4.50
C GLY C 58 16.70 9.23 -3.17
N ASP C 59 16.70 10.12 -2.18
CA ASP C 59 16.14 9.83 -0.86
C ASP C 59 14.75 9.24 -1.01
N ARG C 60 13.91 9.91 -1.78
CA ARG C 60 12.56 9.58 -2.15
C ARG C 60 11.59 10.61 -1.55
N HIS C 61 12.13 11.55 -0.78
CA HIS C 61 11.27 12.59 -0.20
C HIS C 61 10.73 13.39 -1.38
N LEU C 62 9.55 13.99 -1.23
CA LEU C 62 8.95 14.74 -2.31
C LEU C 62 9.28 16.22 -2.31
N GLU C 63 9.54 16.76 -3.49
CA GLU C 63 9.84 18.17 -3.67
C GLU C 63 8.96 18.75 -4.78
N LEU C 64 8.52 19.98 -4.55
CA LEU C 64 7.72 20.68 -5.55
C LEU C 64 8.66 21.31 -6.57
N THR C 65 8.34 21.19 -7.86
CA THR C 65 9.15 21.85 -8.89
C THR C 65 8.81 23.34 -8.86
N GLU C 66 9.36 24.13 -9.77
CA GLU C 66 9.04 25.57 -9.80
C GLU C 66 7.56 25.69 -10.19
N LYS C 67 7.16 24.97 -11.22
CA LYS C 67 5.81 24.88 -11.71
C LYS C 67 4.86 24.39 -10.63
N GLY C 68 5.22 23.30 -9.96
CA GLY C 68 4.41 22.73 -8.89
C GLY C 68 4.19 23.68 -7.72
N ARG C 69 5.23 24.41 -7.36
CA ARG C 69 5.20 25.38 -6.27
C ARG C 69 4.24 26.52 -6.58
N ALA C 70 4.29 27.07 -7.79
CA ALA C 70 3.41 28.16 -8.18
C ALA C 70 1.94 27.76 -8.12
N LEU C 71 1.60 26.53 -8.51
CA LEU C 71 0.22 26.06 -8.41
C LEU C 71 -0.18 25.84 -6.96
N ALA C 72 0.73 25.36 -6.11
CA ALA C 72 0.43 25.14 -4.71
C ALA C 72 0.16 26.46 -3.99
N ILE C 73 0.93 27.48 -4.31
CA ILE C 73 0.78 28.80 -3.71
C ILE C 73 -0.55 29.41 -4.13
N ALA C 74 -0.95 29.27 -5.39
CA ALA C 74 -2.23 29.78 -5.86
C ALA C 74 -3.38 29.11 -5.12
N VAL C 75 -3.27 27.80 -4.87
CA VAL C 75 -4.32 27.10 -4.12
C VAL C 75 -4.36 27.61 -2.68
N MET C 76 -3.19 27.80 -2.06
CA MET C 76 -3.15 28.26 -0.67
C MET C 76 -3.66 29.70 -0.54
N ARG C 77 -3.37 30.53 -1.52
CA ARG C 77 -3.82 31.92 -1.57
C ARG C 77 -5.35 31.92 -1.52
N LYS C 78 -5.97 31.14 -2.41
CA LYS C 78 -7.41 31.01 -2.46
C LYS C 78 -7.98 30.49 -1.15
N HIS C 79 -7.29 29.55 -0.52
CA HIS C 79 -7.79 28.96 0.72
C HIS C 79 -7.88 29.99 1.84
N ARG C 80 -6.81 30.77 1.95
CA ARG C 80 -6.67 31.77 3.01
C ARG C 80 -7.55 32.97 2.73
N LEU C 81 -7.76 33.34 1.47
CA LEU C 81 -8.71 34.42 1.17
C LEU C 81 -10.12 33.95 1.47
N ALA C 82 -10.38 32.67 1.18
CA ALA C 82 -11.70 32.09 1.45
C ALA C 82 -12.01 32.08 2.93
N GLU C 83 -11.01 31.73 3.77
CA GLU C 83 -11.26 31.74 5.21
C GLU C 83 -11.52 33.17 5.69
N ARG C 84 -10.81 34.15 5.16
CA ARG C 84 -11.01 35.54 5.53
C ARG C 84 -12.42 36.00 5.17
N LEU C 85 -12.90 35.61 4.00
CA LEU C 85 -14.25 35.94 3.54
C LEU C 85 -15.28 35.24 4.42
N LEU C 86 -15.00 33.97 4.76
CA LEU C 86 -15.92 33.22 5.62
C LEU C 86 -16.00 33.81 7.01
N VAL C 87 -14.93 34.41 7.51
CA VAL C 87 -14.94 35.01 8.84
C VAL C 87 -15.31 36.50 8.79
N ASP C 88 -14.63 37.26 7.95
CA ASP C 88 -14.82 38.69 7.90
C ASP C 88 -16.21 39.08 7.43
N VAL C 89 -16.69 38.44 6.36
CA VAL C 89 -18.00 38.82 5.82
C VAL C 89 -19.12 37.87 6.17
N ILE C 90 -18.97 36.58 5.94
CA ILE C 90 -20.03 35.60 6.13
C ILE C 90 -20.32 35.26 7.57
N GLY C 91 -19.32 35.38 8.45
CA GLY C 91 -19.49 35.09 9.86
C GLY C 91 -19.66 33.61 10.16
N LEU C 92 -19.04 32.72 9.38
CA LEU C 92 -19.12 31.29 9.67
C LEU C 92 -18.16 31.03 10.84
N PRO C 93 -18.58 30.21 11.78
CA PRO C 93 -17.77 29.93 12.97
C PRO C 93 -16.33 29.58 12.65
N TRP C 94 -15.41 30.12 13.43
CA TRP C 94 -13.98 29.90 13.27
C TRP C 94 -13.54 28.46 13.03
N GLU C 95 -14.07 27.49 13.76
CA GLU C 95 -13.63 26.10 13.67
C GLU C 95 -14.20 25.34 12.48
N GLU C 96 -15.16 25.95 11.79
CA GLU C 96 -15.82 25.35 10.64
C GLU C 96 -15.35 26.00 9.36
N VAL C 97 -14.56 27.05 9.47
CA VAL C 97 -14.06 27.79 8.32
C VAL C 97 -13.09 26.98 7.48
N HIS C 98 -12.23 26.19 8.11
CA HIS C 98 -11.21 25.43 7.41
C HIS C 98 -11.76 24.42 6.40
N ALA C 99 -12.72 23.61 6.83
CA ALA C 99 -13.28 22.56 6.00
C ALA C 99 -13.98 23.14 4.77
N GLU C 100 -14.73 24.22 5.00
CA GLU C 100 -15.43 24.90 3.92
C GLU C 100 -14.40 25.42 2.90
N ALA C 101 -13.41 26.14 3.41
CA ALA C 101 -12.37 26.71 2.57
C ALA C 101 -11.54 25.66 1.83
N CYS C 102 -11.37 24.47 2.43
CA CYS C 102 -10.66 23.39 1.74
C CYS C 102 -11.45 22.98 0.49
N ARG C 103 -12.78 23.13 0.48
CA ARG C 103 -13.54 22.86 -0.75
C ARG C 103 -13.50 24.07 -1.66
N TRP C 104 -13.68 25.28 -1.12
CA TRP C 104 -13.74 26.47 -1.95
C TRP C 104 -12.43 26.83 -2.60
N GLU C 105 -11.27 26.44 -2.08
CA GLU C 105 -9.99 26.76 -2.70
C GLU C 105 -9.82 26.20 -4.11
N HIS C 106 -10.56 25.16 -4.46
CA HIS C 106 -10.46 24.53 -5.77
C HIS C 106 -11.41 25.12 -6.81
N VAL C 107 -12.35 25.95 -6.38
CA VAL C 107 -13.30 26.51 -7.36
C VAL C 107 -13.28 28.03 -7.46
N MET C 108 -12.49 28.74 -6.68
CA MET C 108 -12.39 30.19 -6.68
C MET C 108 -11.50 30.70 -7.81
N SER C 109 -11.96 31.66 -8.61
CA SER C 109 -11.14 32.18 -9.70
C SER C 109 -10.24 33.30 -9.20
N GLU C 110 -9.25 33.68 -10.00
CA GLU C 110 -8.39 34.81 -9.65
C GLU C 110 -9.14 36.13 -9.66
N ASP C 111 -10.15 36.23 -10.52
CA ASP C 111 -10.96 37.46 -10.55
C ASP C 111 -11.61 37.66 -9.18
N VAL C 112 -12.19 36.59 -8.64
CA VAL C 112 -12.76 36.66 -7.28
C VAL C 112 -11.67 36.93 -6.26
N GLU C 113 -10.51 36.29 -6.38
CA GLU C 113 -9.43 36.57 -5.42
C GLU C 113 -9.12 38.07 -5.41
N ARG C 114 -8.92 38.70 -6.57
CA ARG C 114 -8.64 40.14 -6.60
C ARG C 114 -9.76 40.99 -6.04
N ARG C 115 -11.02 40.59 -6.22
CA ARG C 115 -12.15 41.30 -5.61
C ARG C 115 -12.01 41.22 -4.10
N LEU C 116 -11.73 40.02 -3.60
CA LEU C 116 -11.54 39.81 -2.17
C LEU C 116 -10.38 40.62 -1.60
N VAL C 117 -9.29 40.83 -2.34
CA VAL C 117 -8.20 41.64 -1.80
C VAL C 117 -8.71 43.06 -1.49
N LYS C 118 -9.57 43.63 -2.34
CA LYS C 118 -10.13 44.95 -2.14
C LYS C 118 -11.17 44.98 -1.02
N VAL C 119 -12.15 44.11 -1.16
CA VAL C 119 -13.27 43.99 -0.23
C VAL C 119 -12.80 43.70 1.19
N LEU C 120 -11.84 42.79 1.32
CA LEU C 120 -11.27 42.45 2.61
C LEU C 120 -10.14 43.39 3.02
N ASN C 121 -9.98 44.57 2.44
CA ASN C 121 -8.99 45.56 2.83
C ASN C 121 -7.55 45.11 2.88
N ASN C 122 -7.05 44.56 1.77
CA ASN C 122 -5.68 44.15 1.64
C ASN C 122 -5.18 43.18 2.72
N PRO C 123 -5.81 42.01 2.81
CA PRO C 123 -5.44 41.02 3.80
C PRO C 123 -4.03 40.49 3.57
N THR C 124 -3.31 40.25 4.66
CA THR C 124 -1.94 39.74 4.58
C THR C 124 -1.86 38.36 5.20
N THR C 125 -2.83 38.04 6.06
CA THR C 125 -2.89 36.76 6.73
C THR C 125 -4.30 36.16 6.79
N SER C 126 -4.35 34.84 6.96
CA SER C 126 -5.58 34.10 7.15
C SER C 126 -6.06 34.35 8.57
N PRO C 127 -7.28 33.93 8.87
CA PRO C 127 -7.83 34.02 10.22
C PRO C 127 -6.84 33.43 11.21
N PHE C 128 -6.41 32.19 10.98
CA PHE C 128 -5.48 31.45 11.82
C PHE C 128 -4.05 31.95 11.93
N GLY C 129 -3.73 33.10 11.37
CA GLY C 129 -2.47 33.76 11.45
C GLY C 129 -1.44 33.53 10.37
N ASN C 130 -1.71 32.64 9.42
CA ASN C 130 -0.73 32.38 8.37
C ASN C 130 -0.72 33.42 7.28
N PRO C 131 0.44 33.72 6.74
CA PRO C 131 0.57 34.67 5.65
C PRO C 131 -0.11 34.10 4.41
N ILE C 132 -0.68 34.99 3.63
CA ILE C 132 -1.31 34.68 2.36
C ILE C 132 -0.21 34.79 1.32
N PRO C 133 0.26 33.67 0.78
CA PRO C 133 1.32 33.67 -0.21
C PRO C 133 0.80 34.12 -1.56
N GLY C 134 1.68 34.29 -2.54
CA GLY C 134 1.34 34.63 -3.90
C GLY C 134 0.54 35.86 -4.23
N LEU C 135 0.56 36.89 -3.39
CA LEU C 135 -0.19 38.11 -3.69
C LEU C 135 0.46 38.84 -4.85
N ASP C 136 1.79 38.80 -4.88
CA ASP C 136 2.57 39.41 -5.95
C ASP C 136 2.16 38.81 -7.29
N GLU C 137 2.09 37.49 -7.37
CA GLU C 137 1.71 36.80 -8.58
C GLU C 137 0.24 37.00 -8.95
N LEU C 138 -0.63 37.29 -8.01
CA LEU C 138 -2.04 37.56 -8.28
C LEU C 138 -2.23 38.92 -8.94
N GLY C 139 -1.34 39.88 -8.69
CA GLY C 139 -1.43 41.20 -9.30
C GLY C 139 -1.51 42.35 -8.31
N VAL C 140 -1.77 42.02 -7.05
CA VAL C 140 -1.88 43.03 -6.00
C VAL C 140 -0.49 43.40 -5.48
N LEU C 151 10.30 33.44 15.07
CA LEU C 151 9.18 32.52 14.93
C LEU C 151 9.65 31.08 15.08
N VAL C 152 9.04 30.36 16.01
CA VAL C 152 9.40 28.98 16.31
C VAL C 152 8.17 28.08 16.39
N ARG C 153 8.36 26.80 16.07
CA ARG C 153 7.27 25.83 16.16
C ARG C 153 7.13 25.38 17.60
N LEU C 154 5.98 24.81 17.97
CA LEU C 154 5.81 24.33 19.33
C LEU C 154 6.81 23.20 19.64
N THR C 155 7.13 22.37 18.68
CA THR C 155 8.07 21.27 18.82
C THR C 155 9.52 21.69 18.96
N GLU C 156 9.88 22.91 18.58
CA GLU C 156 11.25 23.39 18.67
C GLU C 156 11.60 24.06 19.99
N LEU C 157 10.67 24.20 20.90
CA LEU C 157 10.93 24.80 22.21
C LEU C 157 11.64 23.78 23.09
N PRO C 158 12.33 24.24 24.12
CA PRO C 158 13.03 23.38 25.06
C PRO C 158 12.06 22.64 25.95
N ALA C 159 12.49 21.54 26.57
CA ALA C 159 11.60 20.76 27.42
C ALA C 159 11.79 20.97 28.92
N GLY C 160 10.83 20.49 29.70
CA GLY C 160 10.87 20.57 31.15
C GLY C 160 10.15 21.78 31.72
N SER C 161 10.81 22.93 31.66
CA SER C 161 10.30 24.18 32.18
C SER C 161 9.33 24.91 31.25
N PRO C 162 8.20 25.35 31.80
CA PRO C 162 7.20 26.09 31.04
C PRO C 162 7.84 27.28 30.34
N VAL C 163 7.38 27.60 29.14
CA VAL C 163 7.91 28.70 28.35
C VAL C 163 6.76 29.64 27.95
N ALA C 164 6.91 30.93 28.21
CA ALA C 164 5.89 31.90 27.84
C ALA C 164 6.05 32.28 26.37
N VAL C 165 4.99 32.09 25.58
CA VAL C 165 5.08 32.45 24.17
C VAL C 165 3.81 33.15 23.69
N VAL C 166 4.02 33.87 22.59
CA VAL C 166 2.93 34.53 21.90
C VAL C 166 2.64 33.69 20.65
N VAL C 167 1.40 33.25 20.51
CA VAL C 167 1.00 32.47 19.33
C VAL C 167 0.96 33.33 18.08
N ARG C 168 1.51 32.80 16.98
CA ARG C 168 1.49 33.57 15.73
C ARG C 168 0.68 32.88 14.63
N GLN C 169 0.78 31.57 14.48
CA GLN C 169 0.08 30.87 13.40
C GLN C 169 -0.40 29.48 13.81
N LEU C 170 -1.53 29.02 13.32
CA LEU C 170 -2.01 27.64 13.50
C LEU C 170 -2.13 27.16 12.04
N THR C 171 -1.22 26.32 11.58
CA THR C 171 -1.23 25.95 10.17
C THR C 171 -2.36 25.02 9.81
N GLU C 172 -2.51 24.71 8.53
CA GLU C 172 -3.67 23.95 8.07
C GLU C 172 -3.84 22.60 8.74
N HIS C 173 -2.74 21.89 9.02
CA HIS C 173 -2.92 20.58 9.64
C HIS C 173 -3.71 20.59 10.93
N VAL C 174 -3.36 21.48 11.88
CA VAL C 174 -4.13 21.46 13.13
C VAL C 174 -5.57 21.90 12.91
N GLN C 175 -5.80 22.75 11.90
CA GLN C 175 -7.18 23.15 11.59
C GLN C 175 -8.03 21.94 11.20
N GLY C 176 -7.42 20.88 10.63
CA GLY C 176 -8.17 19.69 10.29
C GLY C 176 -8.78 18.99 11.49
N ASP C 177 -8.31 19.24 12.71
CA ASP C 177 -8.86 18.63 13.92
C ASP C 177 -9.76 19.68 14.58
N ILE C 178 -11.05 19.65 14.26
CA ILE C 178 -12.02 20.62 14.73
C ILE C 178 -12.09 20.71 16.24
N ASP C 179 -12.25 19.57 16.90
CA ASP C 179 -12.29 19.46 18.35
C ASP C 179 -11.06 20.06 19.01
N LEU C 180 -9.85 19.78 18.52
CA LEU C 180 -8.66 20.37 19.11
C LEU C 180 -8.66 21.87 18.91
N ILE C 181 -9.04 22.31 17.71
CA ILE C 181 -9.09 23.73 17.37
C ILE C 181 -10.01 24.43 18.36
N THR C 182 -11.15 23.82 18.68
CA THR C 182 -12.11 24.33 19.64
C THR C 182 -11.52 24.43 21.04
N ARG C 183 -10.87 23.37 21.52
CA ARG C 183 -10.28 23.41 22.87
C ARG C 183 -9.20 24.48 22.91
N LEU C 184 -8.39 24.61 21.86
CA LEU C 184 -7.38 25.66 21.81
C LEU C 184 -8.04 27.03 21.92
N LYS C 185 -9.15 27.24 21.21
CA LYS C 185 -9.89 28.49 21.26
C LYS C 185 -10.41 28.78 22.66
N ASP C 186 -11.08 27.79 23.25
CA ASP C 186 -11.63 27.88 24.59
C ASP C 186 -10.60 28.21 25.66
N ALA C 187 -9.38 27.71 25.52
CA ALA C 187 -8.30 27.98 26.44
C ALA C 187 -7.52 29.23 26.04
N GLY C 188 -8.06 30.04 25.13
CA GLY C 188 -7.46 31.28 24.68
C GLY C 188 -6.29 31.13 23.73
N VAL C 189 -6.17 30.01 23.04
CA VAL C 189 -5.05 29.84 22.12
C VAL C 189 -5.47 30.31 20.72
N VAL C 190 -5.29 31.60 20.47
CA VAL C 190 -5.65 32.19 19.17
C VAL C 190 -4.46 33.02 18.70
N PRO C 191 -4.45 33.40 17.44
CA PRO C 191 -3.38 34.20 16.89
C PRO C 191 -3.11 35.42 17.76
N ASN C 192 -1.82 35.70 17.97
CA ASN C 192 -1.31 36.82 18.74
C ASN C 192 -1.63 36.84 20.22
N ALA C 193 -2.21 35.81 20.79
CA ALA C 193 -2.48 35.72 22.21
C ALA C 193 -1.27 35.13 22.93
N ARG C 194 -1.13 35.48 24.20
CA ARG C 194 -0.01 35.05 25.03
C ARG C 194 -0.36 33.80 25.80
N VAL C 195 0.49 32.75 25.72
CA VAL C 195 0.22 31.51 26.41
C VAL C 195 1.52 30.96 27.01
N THR C 196 1.33 29.98 27.90
CA THR C 196 2.47 29.30 28.53
C THR C 196 2.38 27.82 28.14
N VAL C 197 3.43 27.31 27.52
CA VAL C 197 3.42 25.91 27.08
C VAL C 197 4.45 25.08 27.83
N GLU C 198 4.27 23.77 27.83
CA GLU C 198 5.17 22.83 28.51
C GLU C 198 5.36 21.58 27.67
N THR C 199 6.61 21.23 27.35
CA THR C 199 6.89 20.02 26.57
C THR C 199 6.32 18.80 27.27
N THR C 200 5.74 17.90 26.50
CA THR C 200 5.15 16.67 27.05
C THR C 200 6.09 15.51 26.78
N PRO C 201 5.95 14.43 27.53
CA PRO C 201 6.78 13.25 27.41
C PRO C 201 6.95 12.68 26.02
N GLY C 202 5.86 12.47 25.29
CA GLY C 202 5.88 11.88 23.97
C GLY C 202 6.17 12.75 22.77
N GLY C 203 6.78 13.92 22.94
CA GLY C 203 7.13 14.80 21.84
C GLY C 203 6.08 15.89 21.63
N GLY C 204 4.98 15.79 22.37
CA GLY C 204 3.91 16.77 22.26
C GLY C 204 4.19 17.94 23.18
N VAL C 205 3.47 19.03 22.95
CA VAL C 205 3.55 20.24 23.76
C VAL C 205 2.16 20.49 24.35
N THR C 206 2.14 20.92 25.61
CA THR C 206 0.89 21.20 26.29
C THR C 206 0.68 22.68 26.56
N ILE C 207 -0.54 23.15 26.34
CA ILE C 207 -0.88 24.55 26.65
C ILE C 207 -1.28 24.50 28.14
N VAL C 208 -0.55 25.16 29.03
CA VAL C 208 -0.91 25.02 30.45
C VAL C 208 -1.86 26.10 30.93
N ILE C 209 -3.03 25.67 31.41
CA ILE C 209 -4.00 26.60 31.98
C ILE C 209 -4.10 26.22 33.47
N PRO C 210 -3.70 27.16 34.32
CA PRO C 210 -3.65 26.98 35.76
C PRO C 210 -4.91 26.47 36.43
N GLY C 211 -4.79 25.39 37.18
CA GLY C 211 -5.86 24.78 37.92
C GLY C 211 -6.91 23.99 37.16
N HIS C 212 -6.90 24.01 35.83
CA HIS C 212 -7.91 23.35 35.03
C HIS C 212 -7.30 22.48 33.93
N GLU C 213 -8.16 21.64 33.38
CA GLU C 213 -7.81 20.69 32.32
C GLU C 213 -6.90 21.32 31.27
N ASN C 214 -5.68 20.82 31.06
CA ASN C 214 -4.82 21.47 30.06
C ASN C 214 -5.11 20.97 28.65
N VAL C 215 -4.42 21.55 27.66
CA VAL C 215 -4.63 21.16 26.28
C VAL C 215 -3.35 20.57 25.68
N THR C 216 -3.44 19.27 25.43
CA THR C 216 -2.35 18.50 24.87
C THR C 216 -2.34 18.44 23.34
N LEU C 217 -1.26 18.94 22.76
CA LEU C 217 -1.04 18.88 21.33
C LEU C 217 -0.08 17.75 20.99
N PRO C 218 -0.57 16.73 20.32
CA PRO C 218 0.27 15.63 19.87
C PRO C 218 1.40 16.20 19.05
N HIS C 219 2.57 15.57 19.00
CA HIS C 219 3.72 16.06 18.26
C HIS C 219 3.44 16.57 16.86
N GLU C 220 2.62 15.86 16.08
CA GLU C 220 2.30 16.23 14.71
C GLU C 220 1.52 17.55 14.65
N MET C 221 0.66 17.76 15.65
CA MET C 221 -0.11 18.99 15.77
C MET C 221 0.77 20.13 16.27
N ALA C 222 1.60 19.85 17.27
CA ALA C 222 2.54 20.82 17.81
C ALA C 222 3.44 21.42 16.75
N HIS C 223 3.77 20.66 15.71
CA HIS C 223 4.52 21.14 14.56
C HIS C 223 3.76 22.20 13.75
N ALA C 224 2.43 22.18 13.86
CA ALA C 224 1.59 23.13 13.13
C ALA C 224 1.29 24.42 13.87
N VAL C 225 1.97 24.67 14.99
CA VAL C 225 1.75 25.92 15.73
C VAL C 225 3.02 26.75 15.83
N LYS C 226 3.06 27.85 15.05
CA LYS C 226 4.19 28.75 15.08
C LYS C 226 4.01 29.81 16.16
N VAL C 227 5.02 29.95 17.02
CA VAL C 227 4.98 30.90 18.12
C VAL C 227 6.24 31.77 18.15
N GLU C 228 6.24 32.70 19.10
CA GLU C 228 7.37 33.60 19.31
C GLU C 228 7.63 33.71 20.82
N LYS C 229 8.88 33.68 21.22
CA LYS C 229 9.22 33.75 22.64
C LYS C 229 8.88 35.11 23.22
N VAL C 230 8.28 35.11 24.41
CA VAL C 230 7.91 36.34 25.11
C VAL C 230 9.16 37.12 25.47
N MET D 1 -9.14 18.63 -12.84
CA MET D 1 -10.28 18.06 -12.08
C MET D 1 -11.51 17.90 -12.99
N ASN D 2 -12.61 17.46 -12.40
CA ASN D 2 -13.87 17.35 -13.11
C ASN D 2 -14.36 18.78 -13.33
N GLU D 3 -14.42 19.28 -14.55
CA GLU D 3 -14.89 20.62 -14.86
C GLU D 3 -16.30 20.91 -14.36
N LEU D 4 -17.16 19.91 -14.23
CA LEU D 4 -18.51 20.06 -13.73
C LEU D 4 -18.53 20.17 -12.22
N VAL D 5 -17.43 19.79 -11.57
CA VAL D 5 -17.20 19.78 -10.14
C VAL D 5 -17.95 18.61 -9.50
N ASP D 6 -19.26 18.55 -9.66
CA ASP D 6 -20.11 17.47 -9.18
C ASP D 6 -21.02 17.06 -10.34
N THR D 7 -20.66 15.98 -11.04
CA THR D 7 -21.39 15.54 -12.22
C THR D 7 -22.85 15.26 -11.95
N THR D 8 -23.15 14.43 -10.96
CA THR D 8 -24.53 14.09 -10.63
C THR D 8 -25.38 15.33 -10.38
N GLU D 9 -24.84 16.27 -9.63
CA GLU D 9 -25.54 17.50 -9.33
C GLU D 9 -25.84 18.32 -10.58
N MET D 10 -24.92 18.34 -11.53
CA MET D 10 -25.11 19.09 -12.77
C MET D 10 -26.17 18.43 -13.66
N TYR D 11 -26.33 17.11 -13.58
CA TYR D 11 -27.41 16.47 -14.33
C TYR D 11 -28.75 16.87 -13.75
N LEU D 12 -28.85 16.91 -12.42
CA LEU D 12 -30.05 17.32 -11.73
C LEU D 12 -30.39 18.78 -12.04
N ARG D 13 -29.38 19.65 -12.00
CA ARG D 13 -29.62 21.06 -12.22
C ARG D 13 -29.92 21.34 -13.69
N THR D 14 -29.36 20.56 -14.59
CA THR D 14 -29.64 20.73 -16.02
C THR D 14 -31.08 20.31 -16.31
N ILE D 15 -31.55 19.22 -15.69
CA ILE D 15 -32.94 18.80 -15.84
C ILE D 15 -33.83 19.92 -15.30
N TYR D 16 -33.47 20.49 -14.15
CA TYR D 16 -34.21 21.60 -13.56
C TYR D 16 -34.29 22.79 -14.52
N ASP D 17 -33.16 23.21 -15.06
CA ASP D 17 -33.02 24.29 -16.01
C ASP D 17 -33.93 24.12 -17.23
N LEU D 18 -33.92 22.94 -17.83
CA LEU D 18 -34.77 22.64 -18.98
C LEU D 18 -36.24 22.80 -18.59
N GLU D 19 -36.61 22.39 -17.37
CA GLU D 19 -37.97 22.55 -16.88
C GLU D 19 -38.33 24.02 -16.77
N GLU D 20 -37.42 24.84 -16.25
CA GLU D 20 -37.64 26.26 -16.13
C GLU D 20 -37.74 26.95 -17.49
N GLU D 21 -37.18 26.37 -18.54
CA GLU D 21 -37.22 26.90 -19.89
C GLU D 21 -38.42 26.38 -20.68
N GLY D 22 -39.16 25.44 -20.11
CA GLY D 22 -40.32 24.84 -20.77
C GLY D 22 -39.88 23.84 -21.83
N VAL D 23 -38.67 23.32 -21.74
CA VAL D 23 -38.14 22.39 -22.74
C VAL D 23 -38.09 20.98 -22.15
N THR D 24 -38.64 20.01 -22.86
CA THR D 24 -38.61 18.64 -22.36
C THR D 24 -37.17 18.19 -22.12
N PRO D 25 -36.88 17.73 -20.92
CA PRO D 25 -35.57 17.24 -20.55
C PRO D 25 -35.30 15.89 -21.22
N LEU D 26 -34.35 15.88 -22.14
CA LEU D 26 -33.98 14.66 -22.86
C LEU D 26 -32.48 14.39 -22.68
N ARG D 27 -32.10 13.13 -22.69
CA ARG D 27 -30.73 12.67 -22.53
C ARG D 27 -29.78 13.46 -23.42
N ALA D 28 -30.08 13.55 -24.71
CA ALA D 28 -29.22 14.26 -25.65
C ALA D 28 -29.02 15.73 -25.28
N ARG D 29 -29.99 16.37 -24.67
CA ARG D 29 -29.88 17.78 -24.29
C ARG D 29 -28.97 17.96 -23.08
N ILE D 30 -28.91 16.94 -22.23
CA ILE D 30 -28.00 16.96 -21.09
C ILE D 30 -26.58 16.80 -21.64
N ALA D 31 -26.46 15.86 -22.58
CA ALA D 31 -25.19 15.53 -23.21
C ALA D 31 -24.56 16.75 -23.85
N GLU D 32 -25.34 17.49 -24.61
CA GLU D 32 -24.87 18.70 -25.28
C GLU D 32 -24.50 19.80 -24.29
N ARG D 33 -25.31 20.06 -23.27
CA ARG D 33 -25.03 21.15 -22.35
C ARG D 33 -23.84 20.88 -21.44
N LEU D 34 -23.70 19.62 -21.04
CA LEU D 34 -22.60 19.23 -20.16
C LEU D 34 -21.43 18.66 -20.92
N ASP D 35 -21.50 18.68 -22.24
CA ASP D 35 -20.46 18.19 -23.12
C ASP D 35 -20.01 16.79 -22.72
N GLN D 36 -20.98 15.89 -22.69
CA GLN D 36 -20.81 14.50 -22.36
C GLN D 36 -21.09 13.67 -23.62
N SER D 37 -20.55 12.46 -23.65
CA SER D 37 -20.81 11.57 -24.78
C SER D 37 -22.09 10.80 -24.53
N GLY D 38 -22.65 10.20 -25.58
CA GLY D 38 -23.84 9.40 -25.52
C GLY D 38 -23.90 8.32 -24.48
N PRO D 39 -22.92 7.42 -24.46
CA PRO D 39 -22.85 6.32 -23.50
C PRO D 39 -22.69 6.82 -22.08
N THR D 40 -21.86 7.86 -21.92
CA THR D 40 -21.66 8.49 -20.61
C THR D 40 -22.99 8.97 -20.04
N VAL D 41 -23.80 9.69 -20.83
CA VAL D 41 -25.09 10.15 -20.29
C VAL D 41 -26.01 8.99 -19.97
N SER D 42 -26.09 7.97 -20.83
CA SER D 42 -26.95 6.82 -20.55
C SER D 42 -26.52 6.15 -19.25
N GLN D 43 -25.23 5.89 -19.11
CA GLN D 43 -24.73 5.27 -17.88
C GLN D 43 -25.19 6.04 -16.64
N THR D 44 -24.85 7.34 -16.63
CA THR D 44 -25.19 8.24 -15.54
C THR D 44 -26.68 8.32 -15.29
N VAL D 45 -27.47 8.54 -16.35
CA VAL D 45 -28.93 8.55 -16.21
C VAL D 45 -29.40 7.24 -15.56
N SER D 46 -28.91 6.09 -16.05
CA SER D 46 -29.25 4.79 -15.50
C SER D 46 -28.90 4.65 -14.03
N ARG D 47 -27.68 5.06 -13.67
CA ARG D 47 -27.21 5.06 -12.29
C ARG D 47 -28.12 5.92 -11.43
N MET D 48 -28.45 7.13 -11.91
CA MET D 48 -29.35 8.02 -11.19
C MET D 48 -30.74 7.42 -11.07
N GLU D 49 -31.19 6.71 -12.09
CA GLU D 49 -32.50 6.07 -12.04
C GLU D 49 -32.49 5.00 -10.94
N ARG D 50 -31.46 4.15 -10.91
CA ARG D 50 -31.40 3.13 -9.85
C ARG D 50 -31.23 3.77 -8.48
N ASP D 51 -30.65 4.97 -8.37
CA ASP D 51 -30.53 5.63 -7.07
C ASP D 51 -31.76 6.40 -6.65
N GLY D 52 -32.85 6.38 -7.41
CA GLY D 52 -34.08 7.05 -7.06
C GLY D 52 -34.05 8.55 -7.25
N LEU D 53 -33.22 9.02 -8.18
CA LEU D 53 -33.12 10.46 -8.43
C LEU D 53 -33.95 10.90 -9.62
N LEU D 54 -34.14 10.01 -10.58
CA LEU D 54 -34.96 10.40 -11.75
C LEU D 54 -35.85 9.27 -12.24
N ARG D 55 -36.93 9.64 -12.90
CA ARG D 55 -37.85 8.67 -13.51
C ARG D 55 -37.79 8.82 -15.03
N VAL D 56 -37.54 7.72 -15.72
CA VAL D 56 -37.49 7.71 -17.18
C VAL D 56 -38.89 7.37 -17.70
N ALA D 57 -39.59 8.38 -18.16
CA ALA D 57 -40.97 8.29 -18.60
C ALA D 57 -41.26 7.37 -19.77
N GLY D 58 -42.55 7.25 -20.08
CA GLY D 58 -43.01 6.42 -21.18
C GLY D 58 -42.30 6.72 -22.49
N ASP D 59 -42.13 8.01 -22.81
CA ASP D 59 -41.46 8.42 -24.04
C ASP D 59 -39.98 8.69 -23.86
N ARG D 60 -39.36 8.29 -22.76
CA ARG D 60 -37.96 8.48 -22.49
C ARG D 60 -37.53 9.82 -21.91
N HIS D 61 -38.39 10.81 -21.87
CA HIS D 61 -37.98 12.09 -21.28
C HIS D 61 -37.67 11.85 -19.80
N LEU D 62 -36.85 12.75 -19.24
CA LEU D 62 -36.40 12.55 -17.85
C LEU D 62 -37.20 13.40 -16.89
N GLU D 63 -37.58 12.77 -15.79
CA GLU D 63 -38.36 13.41 -14.73
C GLU D 63 -37.52 13.30 -13.45
N LEU D 64 -37.71 14.25 -12.56
CA LEU D 64 -37.05 14.26 -11.27
C LEU D 64 -37.95 13.53 -10.28
N THR D 65 -37.42 12.54 -9.55
CA THR D 65 -38.26 11.92 -8.53
C THR D 65 -38.47 12.96 -7.43
N GLU D 66 -39.22 12.58 -6.40
CA GLU D 66 -39.41 13.52 -5.27
C GLU D 66 -38.03 13.68 -4.62
N LYS D 67 -37.27 12.60 -4.53
CA LYS D 67 -35.92 12.61 -3.98
C LYS D 67 -34.96 13.42 -4.84
N GLY D 68 -34.99 13.16 -6.15
CA GLY D 68 -34.14 13.86 -7.10
C GLY D 68 -34.40 15.36 -7.11
N ARG D 69 -35.67 15.76 -6.99
CA ARG D 69 -36.05 17.16 -6.97
C ARG D 69 -35.59 17.92 -5.74
N ALA D 70 -35.65 17.30 -4.56
CA ALA D 70 -35.19 18.00 -3.35
C ALA D 70 -33.70 18.33 -3.50
N LEU D 71 -32.92 17.41 -4.08
CA LEU D 71 -31.50 17.62 -4.32
C LEU D 71 -31.23 18.70 -5.35
N ALA D 72 -31.98 18.70 -6.46
CA ALA D 72 -31.76 19.71 -7.50
C ALA D 72 -32.10 21.08 -6.95
N ILE D 73 -33.19 21.14 -6.17
CA ILE D 73 -33.55 22.38 -5.52
C ILE D 73 -32.43 22.88 -4.63
N ALA D 74 -31.78 22.01 -3.86
CA ALA D 74 -30.72 22.46 -2.95
C ALA D 74 -29.56 23.03 -3.74
N VAL D 75 -29.20 22.36 -4.83
CA VAL D 75 -28.12 22.87 -5.69
C VAL D 75 -28.50 24.25 -6.22
N MET D 76 -29.71 24.38 -6.79
CA MET D 76 -30.14 25.68 -7.31
C MET D 76 -30.15 26.75 -6.24
N ARG D 77 -30.60 26.42 -5.02
CA ARG D 77 -30.57 27.36 -3.90
C ARG D 77 -29.17 27.90 -3.66
N LYS D 78 -28.18 27.00 -3.58
CA LYS D 78 -26.79 27.40 -3.37
C LYS D 78 -26.28 28.27 -4.52
N HIS D 79 -26.64 27.89 -5.76
CA HIS D 79 -26.23 28.68 -6.91
C HIS D 79 -26.70 30.13 -6.80
N ARG D 80 -27.99 30.32 -6.49
CA ARG D 80 -28.55 31.68 -6.49
C ARG D 80 -28.12 32.51 -5.31
N LEU D 81 -27.86 31.90 -4.16
CA LEU D 81 -27.33 32.68 -3.02
C LEU D 81 -25.89 33.05 -3.32
N ALA D 82 -25.17 32.12 -4.00
CA ALA D 82 -23.78 32.42 -4.38
C ALA D 82 -23.73 33.59 -5.33
N GLU D 83 -24.65 33.59 -6.33
CA GLU D 83 -24.72 34.71 -7.26
C GLU D 83 -25.02 36.02 -6.52
N ARG D 84 -25.91 36.01 -5.52
CA ARG D 84 -26.18 37.23 -4.77
C ARG D 84 -24.94 37.68 -4.00
N LEU D 85 -24.25 36.68 -3.37
CA LEU D 85 -23.03 37.08 -2.66
C LEU D 85 -21.99 37.61 -3.61
N LEU D 86 -21.83 36.98 -4.79
CA LEU D 86 -20.81 37.46 -5.73
C LEU D 86 -21.05 38.88 -6.23
N VAL D 87 -22.31 39.20 -6.53
CA VAL D 87 -22.62 40.54 -7.03
C VAL D 87 -22.73 41.58 -5.92
N ASP D 88 -23.49 41.31 -4.87
CA ASP D 88 -23.75 42.29 -3.83
C ASP D 88 -22.58 42.62 -2.92
N VAL D 89 -21.92 41.58 -2.41
CA VAL D 89 -20.79 41.78 -1.51
C VAL D 89 -19.44 41.78 -2.21
N ILE D 90 -19.17 40.75 -3.01
CA ILE D 90 -17.86 40.66 -3.66
C ILE D 90 -17.64 41.63 -4.79
N GLY D 91 -18.71 42.00 -5.52
CA GLY D 91 -18.54 42.96 -6.61
C GLY D 91 -17.96 42.38 -7.87
N LEU D 92 -18.17 41.08 -8.08
CA LEU D 92 -17.71 40.45 -9.32
C LEU D 92 -18.72 40.90 -10.39
N PRO D 93 -18.26 41.30 -11.56
CA PRO D 93 -19.14 41.74 -12.63
C PRO D 93 -20.36 40.87 -12.87
N TRP D 94 -21.50 41.50 -13.11
CA TRP D 94 -22.76 40.84 -13.35
C TRP D 94 -22.70 39.65 -14.28
N GLU D 95 -22.04 39.79 -15.43
CA GLU D 95 -21.92 38.77 -16.45
C GLU D 95 -20.93 37.65 -16.14
N GLU D 96 -20.15 37.76 -15.09
CA GLU D 96 -19.17 36.72 -14.75
C GLU D 96 -19.59 35.86 -13.58
N VAL D 97 -20.65 36.23 -12.91
CA VAL D 97 -21.22 35.58 -11.72
C VAL D 97 -21.75 34.19 -11.92
N HIS D 98 -22.44 33.91 -13.02
CA HIS D 98 -22.99 32.60 -13.32
C HIS D 98 -21.91 31.52 -13.39
N ALA D 99 -20.86 31.75 -14.17
CA ALA D 99 -19.81 30.74 -14.31
C ALA D 99 -19.16 30.43 -12.96
N GLU D 100 -18.89 31.43 -12.15
CA GLU D 100 -18.33 31.23 -10.82
C GLU D 100 -19.29 30.45 -9.94
N ALA D 101 -20.57 30.84 -9.96
CA ALA D 101 -21.59 30.21 -9.15
C ALA D 101 -21.88 28.79 -9.57
N CYS D 102 -21.68 28.44 -10.85
CA CYS D 102 -21.90 27.09 -11.30
C CYS D 102 -20.84 26.18 -10.67
N ARG D 103 -19.71 26.72 -10.26
CA ARG D 103 -18.71 25.89 -9.56
C ARG D 103 -18.98 25.88 -8.05
N TRP D 104 -19.26 27.06 -7.48
CA TRP D 104 -19.49 27.15 -6.04
C TRP D 104 -20.73 26.43 -5.59
N GLU D 105 -21.77 26.24 -6.41
CA GLU D 105 -22.97 25.54 -5.97
C GLU D 105 -22.70 24.11 -5.52
N HIS D 106 -21.62 23.50 -6.00
CA HIS D 106 -21.29 22.14 -5.59
C HIS D 106 -20.45 22.02 -4.33
N VAL D 107 -19.94 23.11 -3.76
CA VAL D 107 -19.11 23.03 -2.56
C VAL D 107 -19.62 23.82 -1.36
N MET D 108 -20.65 24.64 -1.48
CA MET D 108 -21.16 25.42 -0.36
C MET D 108 -22.00 24.58 0.60
N SER D 109 -21.77 24.65 1.93
CA SER D 109 -22.61 23.91 2.86
C SER D 109 -23.90 24.68 3.14
N GLU D 110 -24.87 24.01 3.75
CA GLU D 110 -26.12 24.65 4.17
C GLU D 110 -25.86 25.62 5.31
N ASP D 111 -24.85 25.31 6.15
CA ASP D 111 -24.48 26.24 7.21
C ASP D 111 -24.07 27.56 6.56
N VAL D 112 -23.30 27.49 5.48
CA VAL D 112 -22.95 28.73 4.78
C VAL D 112 -24.21 29.35 4.16
N GLU D 113 -25.10 28.54 3.61
CA GLU D 113 -26.32 29.15 3.04
C GLU D 113 -27.05 29.98 4.09
N ARG D 114 -27.42 29.37 5.21
CA ARG D 114 -28.11 30.11 6.28
C ARG D 114 -27.41 31.39 6.68
N ARG D 115 -26.08 31.38 6.77
CA ARG D 115 -25.34 32.60 7.10
C ARG D 115 -25.58 33.63 5.99
N LEU D 116 -25.58 33.21 4.71
CA LEU D 116 -25.84 34.15 3.62
C LEU D 116 -27.26 34.69 3.63
N VAL D 117 -28.26 33.90 4.00
CA VAL D 117 -29.63 34.40 4.08
C VAL D 117 -29.69 35.64 4.98
N LYS D 118 -29.05 35.56 6.14
CA LYS D 118 -28.98 36.63 7.11
C LYS D 118 -28.12 37.80 6.66
N VAL D 119 -26.92 37.48 6.18
CA VAL D 119 -25.96 38.50 5.73
C VAL D 119 -26.43 39.21 4.47
N LEU D 120 -27.20 38.52 3.62
CA LEU D 120 -27.71 39.16 2.41
C LEU D 120 -29.06 39.83 2.61
N ASN D 121 -29.73 39.54 3.72
CA ASN D 121 -31.00 40.14 4.08
C ASN D 121 -32.21 39.50 3.41
N ASN D 122 -32.31 38.19 3.62
CA ASN D 122 -33.39 37.37 3.08
C ASN D 122 -33.67 37.72 1.62
N PRO D 123 -32.73 37.39 0.75
CA PRO D 123 -32.87 37.64 -0.68
C PRO D 123 -33.97 36.73 -1.22
N THR D 124 -34.79 37.20 -2.17
CA THR D 124 -35.84 36.29 -2.66
C THR D 124 -35.46 35.81 -4.05
N THR D 125 -34.59 36.60 -4.71
CA THR D 125 -34.19 36.22 -6.06
C THR D 125 -32.69 36.31 -6.30
N SER D 126 -32.28 35.65 -7.38
CA SER D 126 -30.86 35.78 -7.76
C SER D 126 -30.79 37.12 -8.47
N PRO D 127 -29.61 37.58 -8.83
CA PRO D 127 -29.39 38.79 -9.57
C PRO D 127 -29.96 38.78 -10.99
N PHE D 128 -30.39 37.63 -11.48
CA PHE D 128 -31.00 37.45 -12.77
C PHE D 128 -32.52 37.33 -12.65
N GLY D 129 -33.08 37.66 -11.48
CA GLY D 129 -34.51 37.69 -11.24
C GLY D 129 -35.15 36.36 -10.98
N ASN D 130 -34.39 35.26 -10.97
CA ASN D 130 -34.99 33.97 -10.72
C ASN D 130 -35.16 33.82 -9.21
N PRO D 131 -36.24 33.16 -8.81
CA PRO D 131 -36.51 32.96 -7.40
C PRO D 131 -35.57 31.91 -6.81
N ILE D 132 -35.23 32.12 -5.55
CA ILE D 132 -34.41 31.14 -4.85
C ILE D 132 -35.33 30.11 -4.23
N PRO D 133 -35.21 28.87 -4.70
CA PRO D 133 -36.05 27.77 -4.24
C PRO D 133 -35.50 27.14 -2.97
N GLY D 134 -36.25 26.24 -2.36
CA GLY D 134 -35.86 25.52 -1.19
C GLY D 134 -35.51 26.26 0.08
N LEU D 135 -35.88 27.51 0.24
CA LEU D 135 -35.58 28.30 1.42
C LEU D 135 -36.36 27.86 2.66
N ASP D 136 -37.55 27.27 2.52
CA ASP D 136 -38.27 26.81 3.70
C ASP D 136 -37.69 25.48 4.14
N GLU D 137 -37.19 24.69 3.19
CA GLU D 137 -36.53 23.44 3.54
C GLU D 137 -35.14 23.71 4.09
N LEU D 138 -34.53 24.84 3.70
CA LEU D 138 -33.25 25.22 4.27
C LEU D 138 -33.47 25.46 5.77
N GLY D 139 -34.52 26.22 6.09
CA GLY D 139 -34.88 26.48 7.47
C GLY D 139 -35.24 27.93 7.77
N VAL D 140 -34.87 28.84 6.88
CA VAL D 140 -35.11 30.26 7.08
C VAL D 140 -36.46 30.72 6.55
N LEU D 151 -46.95 36.45 -16.24
CA LEU D 151 -45.57 35.97 -16.40
C LEU D 151 -45.45 35.01 -17.57
N VAL D 152 -44.79 35.47 -18.64
CA VAL D 152 -44.67 34.61 -19.81
C VAL D 152 -43.26 34.50 -20.37
N ARG D 153 -43.00 33.32 -20.92
CA ARG D 153 -41.72 33.09 -21.64
C ARG D 153 -41.82 33.87 -22.94
N LEU D 154 -40.75 34.53 -23.36
CA LEU D 154 -40.73 35.26 -24.61
C LEU D 154 -41.18 34.40 -25.79
N THR D 155 -40.88 33.11 -25.82
CA THR D 155 -41.32 32.24 -26.90
C THR D 155 -42.83 32.03 -26.95
N GLU D 156 -43.58 32.38 -25.91
CA GLU D 156 -45.02 32.25 -25.88
C GLU D 156 -45.70 33.54 -26.36
N LEU D 157 -44.96 34.62 -26.60
CA LEU D 157 -45.60 35.86 -27.10
C LEU D 157 -46.08 35.67 -28.54
N PRO D 158 -47.29 36.14 -28.84
CA PRO D 158 -47.86 36.00 -30.16
C PRO D 158 -47.25 36.94 -31.20
N ALA D 159 -47.30 36.52 -32.46
CA ALA D 159 -46.80 37.38 -33.53
C ALA D 159 -47.74 38.59 -33.58
N GLY D 160 -47.27 39.75 -33.94
CA GLY D 160 -48.14 40.92 -34.01
C GLY D 160 -47.26 42.15 -33.76
N SER D 161 -47.88 43.27 -33.47
CA SER D 161 -47.11 44.47 -33.19
C SER D 161 -46.31 44.35 -31.88
N PRO D 162 -45.29 45.18 -31.80
CA PRO D 162 -44.46 45.29 -30.62
C PRO D 162 -45.32 45.69 -29.42
N VAL D 163 -45.05 45.08 -28.28
CA VAL D 163 -45.77 45.35 -27.05
C VAL D 163 -44.80 45.67 -25.91
N ALA D 164 -45.29 46.40 -24.92
CA ALA D 164 -44.51 46.78 -23.75
C ALA D 164 -44.62 45.68 -22.70
N VAL D 165 -43.46 45.25 -22.17
CA VAL D 165 -43.43 44.22 -21.16
C VAL D 165 -42.41 44.58 -20.05
N VAL D 166 -42.46 43.77 -18.99
CA VAL D 166 -41.47 43.97 -17.92
C VAL D 166 -40.60 42.71 -17.80
N VAL D 167 -39.30 42.88 -17.98
CA VAL D 167 -38.37 41.74 -17.87
C VAL D 167 -38.35 41.23 -16.43
N ARG D 168 -38.73 39.98 -16.21
CA ARG D 168 -38.70 39.45 -14.85
C ARG D 168 -37.56 38.47 -14.63
N GLN D 169 -37.34 37.48 -15.49
CA GLN D 169 -36.30 36.48 -15.25
C GLN D 169 -35.46 36.17 -16.48
N LEU D 170 -34.18 35.87 -16.27
CA LEU D 170 -33.25 35.42 -17.31
C LEU D 170 -32.73 34.08 -16.75
N THR D 171 -33.24 32.93 -17.19
CA THR D 171 -32.88 31.66 -16.58
C THR D 171 -31.42 31.29 -16.78
N GLU D 172 -31.01 30.18 -16.15
CA GLU D 172 -29.58 29.82 -16.18
C GLU D 172 -29.03 29.64 -17.58
N HIS D 173 -29.82 29.03 -18.48
CA HIS D 173 -29.34 28.83 -19.85
C HIS D 173 -28.89 30.10 -20.54
N VAL D 174 -29.60 31.22 -20.43
CA VAL D 174 -29.14 32.45 -21.11
C VAL D 174 -27.91 33.05 -20.44
N GLN D 175 -27.70 32.83 -19.14
CA GLN D 175 -26.51 33.27 -18.43
C GLN D 175 -25.24 32.55 -18.88
N GLY D 176 -25.35 31.41 -19.53
CA GLY D 176 -24.22 30.65 -20.07
C GLY D 176 -23.57 31.33 -21.26
N ASP D 177 -24.29 32.21 -21.94
CA ASP D 177 -23.76 32.95 -23.08
C ASP D 177 -23.25 34.30 -22.58
N ILE D 178 -21.96 34.39 -22.26
CA ILE D 178 -21.37 35.60 -21.70
C ILE D 178 -21.54 36.83 -22.60
N ASP D 179 -21.31 36.69 -23.89
CA ASP D 179 -21.47 37.82 -24.80
C ASP D 179 -22.91 38.34 -24.80
N LEU D 180 -23.89 37.43 -24.84
CA LEU D 180 -25.30 37.82 -24.82
C LEU D 180 -25.65 38.52 -23.52
N ILE D 181 -25.25 37.94 -22.38
CA ILE D 181 -25.51 38.59 -21.10
C ILE D 181 -24.86 39.96 -21.05
N THR D 182 -23.67 40.11 -21.63
CA THR D 182 -22.99 41.41 -21.64
C THR D 182 -23.78 42.41 -22.48
N ARG D 183 -24.25 41.97 -23.65
CA ARG D 183 -25.03 42.85 -24.50
C ARG D 183 -26.30 43.31 -23.79
N LEU D 184 -27.01 42.38 -23.16
CA LEU D 184 -28.22 42.66 -22.43
C LEU D 184 -27.98 43.64 -21.31
N LYS D 185 -26.94 43.38 -20.52
CA LYS D 185 -26.56 44.28 -19.43
C LYS D 185 -26.22 45.65 -19.99
N ASP D 186 -25.40 45.72 -21.05
CA ASP D 186 -25.01 47.01 -21.61
C ASP D 186 -26.20 47.77 -22.21
N ALA D 187 -27.26 47.09 -22.61
CA ALA D 187 -28.44 47.70 -23.18
C ALA D 187 -29.52 47.98 -22.15
N GLY D 188 -29.29 47.67 -20.88
CA GLY D 188 -30.29 47.88 -19.84
C GLY D 188 -31.37 46.83 -19.78
N VAL D 189 -31.19 45.68 -20.45
CA VAL D 189 -32.19 44.62 -20.39
C VAL D 189 -31.91 43.71 -19.20
N VAL D 190 -32.32 44.14 -18.03
CA VAL D 190 -32.14 43.47 -16.75
C VAL D 190 -33.49 43.31 -16.05
N PRO D 191 -33.53 42.51 -15.00
CA PRO D 191 -34.75 42.27 -14.26
C PRO D 191 -35.37 43.61 -13.87
N ASN D 192 -36.68 43.73 -13.96
CA ASN D 192 -37.51 44.88 -13.72
C ASN D 192 -37.42 45.96 -14.78
N ALA D 193 -36.64 45.81 -15.83
CA ALA D 193 -36.54 46.82 -16.87
C ALA D 193 -37.79 46.80 -17.75
N ARG D 194 -38.18 47.97 -18.22
CA ARG D 194 -39.34 48.07 -19.12
C ARG D 194 -38.78 48.08 -20.53
N VAL D 195 -39.18 47.08 -21.33
CA VAL D 195 -38.68 47.00 -22.70
C VAL D 195 -39.86 46.79 -23.65
N THR D 196 -39.55 46.83 -24.95
CA THR D 196 -40.55 46.53 -25.96
C THR D 196 -40.08 45.28 -26.69
N VAL D 197 -40.98 44.32 -26.90
CA VAL D 197 -40.64 43.08 -27.56
C VAL D 197 -41.52 42.81 -28.78
N GLU D 198 -40.90 42.14 -29.74
CA GLU D 198 -41.64 41.74 -30.95
C GLU D 198 -41.01 40.48 -31.53
N THR D 199 -41.85 39.61 -32.05
CA THR D 199 -41.37 38.38 -32.67
C THR D 199 -40.70 38.72 -34.00
N THR D 200 -39.60 38.01 -34.28
CA THR D 200 -38.82 38.20 -35.49
C THR D 200 -38.61 36.84 -36.13
N PRO D 201 -38.09 36.83 -37.36
CA PRO D 201 -37.93 35.62 -38.12
C PRO D 201 -37.18 34.53 -37.40
N GLY D 202 -37.42 33.28 -37.82
CA GLY D 202 -36.74 32.11 -37.29
C GLY D 202 -37.06 31.79 -35.84
N GLY D 203 -38.24 32.16 -35.36
CA GLY D 203 -38.64 31.91 -33.98
C GLY D 203 -37.91 32.77 -32.96
N GLY D 204 -37.29 33.86 -33.39
CA GLY D 204 -36.57 34.75 -32.50
C GLY D 204 -37.53 35.82 -31.97
N VAL D 205 -37.04 36.55 -30.99
CA VAL D 205 -37.76 37.63 -30.33
C VAL D 205 -36.76 38.79 -30.16
N THR D 206 -37.10 39.95 -30.69
CA THR D 206 -36.19 41.08 -30.56
C THR D 206 -36.66 41.99 -29.44
N ILE D 207 -35.70 42.41 -28.62
CA ILE D 207 -35.90 43.30 -27.51
C ILE D 207 -35.50 44.70 -27.99
N VAL D 208 -36.46 45.60 -27.98
CA VAL D 208 -36.29 46.95 -28.50
C VAL D 208 -36.18 47.96 -27.36
N ILE D 209 -35.12 48.75 -27.33
CA ILE D 209 -34.78 49.73 -26.35
C ILE D 209 -34.20 51.00 -26.99
N PRO D 210 -34.47 52.13 -26.36
CA PRO D 210 -34.03 53.42 -26.84
C PRO D 210 -32.62 53.81 -26.46
N GLY D 211 -31.81 54.28 -27.39
CA GLY D 211 -30.45 54.69 -27.10
C GLY D 211 -29.44 53.56 -27.05
N HIS D 212 -29.86 52.33 -27.32
CA HIS D 212 -29.02 51.15 -27.32
C HIS D 212 -29.44 50.25 -28.49
N GLU D 213 -28.46 49.62 -29.11
CA GLU D 213 -28.73 48.71 -30.22
C GLU D 213 -29.69 47.63 -29.73
N ASN D 214 -30.73 47.35 -30.49
CA ASN D 214 -31.71 46.36 -30.12
C ASN D 214 -31.09 44.97 -30.11
N VAL D 215 -31.67 44.08 -29.32
CA VAL D 215 -31.08 42.74 -29.18
C VAL D 215 -32.01 41.65 -29.68
N THR D 216 -31.55 40.93 -30.71
CA THR D 216 -32.36 39.83 -31.24
C THR D 216 -31.95 38.53 -30.57
N LEU D 217 -32.87 37.90 -29.84
CA LEU D 217 -32.58 36.62 -29.19
C LEU D 217 -33.00 35.45 -30.07
N PRO D 218 -32.09 34.50 -30.30
CA PRO D 218 -32.44 33.29 -31.02
C PRO D 218 -33.52 32.57 -30.19
N HIS D 219 -34.27 31.68 -30.80
CA HIS D 219 -35.33 30.94 -30.14
C HIS D 219 -34.89 30.22 -28.87
N GLU D 220 -33.73 29.56 -28.82
CA GLU D 220 -33.33 28.87 -27.59
C GLU D 220 -33.08 29.82 -26.44
N MET D 221 -32.65 31.06 -26.66
CA MET D 221 -32.45 31.99 -25.58
C MET D 221 -33.77 32.68 -25.22
N ALA D 222 -34.69 32.81 -26.17
CA ALA D 222 -35.98 33.46 -25.85
C ALA D 222 -36.80 32.58 -24.91
N HIS D 223 -36.58 31.27 -24.96
CA HIS D 223 -37.16 30.32 -24.02
C HIS D 223 -36.70 30.60 -22.58
N ALA D 224 -35.53 31.18 -22.40
CA ALA D 224 -34.95 31.42 -21.09
C ALA D 224 -35.16 32.80 -20.54
N VAL D 225 -36.04 33.60 -21.15
CA VAL D 225 -36.31 34.95 -20.70
C VAL D 225 -37.81 35.05 -20.42
N LYS D 226 -38.16 35.41 -19.20
CA LYS D 226 -39.56 35.50 -18.81
C LYS D 226 -39.91 36.97 -18.55
N VAL D 227 -41.07 37.38 -19.05
CA VAL D 227 -41.49 38.77 -18.92
C VAL D 227 -42.94 38.83 -18.40
N GLU D 228 -43.28 40.07 -18.07
CA GLU D 228 -44.63 40.36 -17.61
C GLU D 228 -45.26 41.38 -18.55
N LYS D 229 -46.42 41.02 -19.09
CA LYS D 229 -47.14 41.97 -19.96
C LYS D 229 -47.58 43.19 -19.16
N VAL D 230 -47.37 44.39 -19.69
CA VAL D 230 -47.79 45.61 -19.00
C VAL D 230 -49.21 45.96 -19.47
#